data_4BKA
#
_entry.id   4BKA
#
_cell.length_a   202.628
_cell.length_b   202.628
_cell.length_c   326.225
_cell.angle_alpha   90.00
_cell.angle_beta   90.00
_cell.angle_gamma   120.00
#
_symmetry.space_group_name_H-M   'H 3 2'
#
loop_
_entity.id
_entity.type
_entity.pdbx_description
1 polymer 'EPHRIN TYPE-A RECEPTOR 4'
2 polymer EPHRIN-A5
#
loop_
_entity_poly.entity_id
_entity_poly.type
_entity_poly.pdbx_seq_one_letter_code
_entity_poly.pdbx_strand_id
1 'polypeptide(L)'
;MGILPSPGMPALLSLVSLLSVLLMGCVAETGVTGSRVYPANEVTLLDSRSVQGELGWIASPLEGGWEEVSIMDEKNTPIR
TYQVCNVMEPSQNNWLRTDWITREGAQRVYIEIKFTLRDCNSLPGVMGTCKETFNLYYYESDNDKERFIRENQFVKIDTI
AADESFTQVDIGDRIMKLNTEIRDVGPLSKKGFYLAFQDVGACIALVSVRVFYKKCPLTVRNLAQFPDTITGADTSSLVE
VRGSCVNNSEEKDVPKMYCGADGEWLVPIGNCLCNAGHEERSGECQACKIGYYKALSTDATCAKCPPHSYSVWEGATSCT
CDRGFFRADNDAASMPCTRPPSAPLNLISNVNETSVNLEWSSPQNTGGRQDISYNVVCKKCGAGDPSKCRPCGSGVHYTP
QQNGLKTTKVSITDLLAHTNYTFEIWAVNGVSKYNPNPDQSVSVTVTTNQAAPSSIALVQAKEVTRYSVALAWLEPDRPN
GVILEYEVKYYEKDQNERSYRIVRTAARNTDIKGLNPLTSYVFHVRARTAAGYGDFSEPLEVTTNTVPSRIIGDGANSTG
TKHHHHHH
;
A
2 'polypeptide(L)'
;MGILPSPGMPALLSLVSLLSVLLMGCVAETGAVADRYAVYWNSSNPRFQRGDYHIDVCINDYLDVFCPHYEDSVPEDKTE
RYVLYMVNFDGYSACDHTSKGFKRWECNRPHSPNGPLKFSEKFQLFTPFSLGFEFRPGREYFYISSAIPDNGRRSCLKLK
VFVRPTNSCMKGTKHHHHHH
;
C
#
# COMPACT_ATOMS: atom_id res chain seq x y z
N PRO A 39 -4.07 26.38 3.25
CA PRO A 39 -4.41 25.60 2.05
C PRO A 39 -3.29 24.70 1.55
N ALA A 40 -2.02 25.17 1.66
CA ALA A 40 -0.84 24.43 1.23
C ALA A 40 -0.48 23.27 2.18
N ASN A 41 0.44 22.38 1.76
CA ASN A 41 0.89 21.23 2.54
C ASN A 41 1.69 21.62 3.80
N GLU A 42 2.20 22.86 3.85
CA GLU A 42 2.97 23.42 4.97
C GLU A 42 2.14 23.58 6.24
N VAL A 43 2.69 23.17 7.39
CA VAL A 43 2.02 23.25 8.69
C VAL A 43 2.12 24.67 9.23
N THR A 44 0.98 25.28 9.57
CA THR A 44 0.89 26.64 10.11
C THR A 44 1.07 26.69 11.62
N LEU A 45 1.78 27.72 12.09
CA LEU A 45 2.05 27.94 13.51
C LEU A 45 1.15 29.04 14.08
N LEU A 46 1.16 30.23 13.43
CA LEU A 46 0.37 31.40 13.82
C LEU A 46 -0.30 32.03 12.60
N ASP A 47 -1.60 32.37 12.72
CA ASP A 47 -2.39 32.98 11.65
C ASP A 47 -3.42 33.99 12.19
N SER A 48 -3.68 35.07 11.44
CA SER A 48 -4.61 36.14 11.82
C SER A 48 -6.08 35.70 11.73
N ARG A 49 -6.37 34.74 10.84
CA ARG A 49 -7.70 34.18 10.61
C ARG A 49 -8.04 33.14 11.69
N SER A 50 -7.08 32.25 11.99
CA SER A 50 -7.19 31.15 12.96
C SER A 50 -7.28 31.56 14.44
N VAL A 51 -6.99 32.83 14.78
CA VAL A 51 -7.02 33.33 16.15
C VAL A 51 -8.41 33.32 16.80
N GLN A 52 -8.46 32.89 18.07
CA GLN A 52 -9.67 32.80 18.89
C GLN A 52 -10.04 34.20 19.42
N GLY A 53 -10.96 34.85 18.71
CA GLY A 53 -11.42 36.19 19.05
C GLY A 53 -10.44 37.28 18.67
N GLU A 54 -9.75 37.84 19.68
CA GLU A 54 -8.75 38.91 19.51
C GLU A 54 -7.34 38.33 19.48
N LEU A 55 -6.43 38.99 18.74
CA LEU A 55 -5.03 38.61 18.66
C LEU A 55 -4.33 38.91 19.99
N GLY A 56 -4.60 40.10 20.54
CA GLY A 56 -4.05 40.58 21.80
C GLY A 56 -2.55 40.76 21.75
N TRP A 57 -2.10 41.70 20.91
CA TRP A 57 -0.67 41.97 20.74
C TRP A 57 -0.24 43.25 21.46
N ILE A 58 0.91 43.17 22.15
CA ILE A 58 1.50 44.28 22.92
C ILE A 58 2.07 45.34 21.97
N ALA A 59 1.60 46.58 22.09
CA ALA A 59 2.06 47.71 21.28
C ALA A 59 2.74 48.78 22.11
N SER A 60 3.98 49.16 21.75
CA SER A 60 4.73 50.20 22.46
C SER A 60 5.11 51.34 21.50
N PRO A 61 4.48 52.54 21.61
CA PRO A 61 3.46 52.95 22.59
C PRO A 61 2.07 52.36 22.36
N LEU A 62 1.26 52.30 23.43
CA LEU A 62 -0.11 51.77 23.44
C LEU A 62 -1.04 52.72 22.67
N GLU A 63 -1.09 54.00 23.10
CA GLU A 63 -1.89 55.05 22.48
C GLU A 63 -1.03 55.82 21.50
N GLY A 64 -1.55 55.99 20.28
CA GLY A 64 -0.86 56.66 19.20
C GLY A 64 0.09 55.74 18.45
N GLY A 65 -0.07 54.45 18.67
CA GLY A 65 0.74 53.41 18.05
C GLY A 65 -0.05 52.53 17.10
N TRP A 66 0.22 51.21 17.12
CA TRP A 66 -0.49 50.23 16.30
C TRP A 66 -1.88 50.02 16.89
N GLU A 67 -2.92 50.03 16.05
CA GLU A 67 -4.31 49.86 16.49
C GLU A 67 -4.97 48.62 15.90
N GLU A 68 -5.78 47.93 16.71
CA GLU A 68 -6.49 46.71 16.32
C GLU A 68 -7.83 47.04 15.62
N VAL A 69 -7.77 47.77 14.49
CA VAL A 69 -8.93 48.18 13.71
C VAL A 69 -9.31 47.03 12.75
N SER A 70 -10.34 46.26 13.13
CA SER A 70 -10.80 45.09 12.37
C SER A 70 -11.88 45.38 11.33
N ILE A 71 -11.60 45.02 10.07
CA ILE A 71 -12.50 45.15 8.92
C ILE A 71 -12.68 43.77 8.28
N MET A 72 -13.95 43.35 8.13
CA MET A 72 -14.34 42.05 7.56
C MET A 72 -13.92 41.84 6.11
N ASP A 73 -13.40 40.63 5.81
CA ASP A 73 -12.96 40.22 4.48
C ASP A 73 -13.90 39.17 3.92
N GLU A 74 -14.20 39.25 2.62
CA GLU A 74 -15.10 38.34 1.92
C GLU A 74 -14.51 36.92 1.79
N LYS A 75 -15.29 35.85 2.09
CA LYS A 75 -16.68 35.91 2.53
C LYS A 75 -16.82 35.28 3.92
N ASN A 76 -17.37 36.05 4.88
CA ASN A 76 -17.62 35.68 6.28
C ASN A 76 -16.35 35.25 7.06
N THR A 77 -15.22 35.96 6.84
CA THR A 77 -13.96 35.68 7.53
C THR A 77 -13.54 36.84 8.47
N PRO A 78 -13.62 36.67 9.81
CA PRO A 78 -13.20 37.77 10.70
C PRO A 78 -11.70 37.75 10.99
N ILE A 79 -11.01 38.89 10.74
CA ILE A 79 -9.56 39.03 10.87
C ILE A 79 -9.25 40.28 11.70
N ARG A 80 -8.16 40.23 12.51
CA ARG A 80 -7.70 41.35 13.33
C ARG A 80 -6.63 42.12 12.54
N THR A 81 -7.02 43.29 11.99
CA THR A 81 -6.14 44.12 11.16
C THR A 81 -5.45 45.19 11.99
N TYR A 82 -4.12 45.28 11.85
CA TYR A 82 -3.29 46.25 12.56
C TYR A 82 -2.89 47.41 11.66
N GLN A 83 -3.32 48.63 12.01
CA GLN A 83 -3.10 49.84 11.24
C GLN A 83 -2.41 50.95 12.04
N VAL A 84 -1.60 51.76 11.34
CA VAL A 84 -0.87 52.91 11.88
C VAL A 84 -0.61 53.95 10.79
N CYS A 85 -0.98 55.22 11.06
CA CYS A 85 -0.80 56.34 10.13
C CYS A 85 -0.45 57.62 10.87
N ASN A 86 0.83 57.76 11.25
CA ASN A 86 1.37 58.92 11.95
C ASN A 86 2.42 59.61 11.08
N VAL A 87 2.09 59.80 9.78
CA VAL A 87 2.94 60.44 8.77
C VAL A 87 3.25 61.91 9.07
N MET A 88 2.33 62.60 9.78
CA MET A 88 2.43 64.02 10.12
C MET A 88 3.50 64.37 11.17
N GLU A 89 3.55 63.61 12.28
CA GLU A 89 4.51 63.81 13.39
C GLU A 89 5.97 63.62 12.92
N PRO A 90 6.90 64.55 13.27
CA PRO A 90 8.29 64.43 12.79
C PRO A 90 9.03 63.12 13.08
N SER A 91 9.21 62.77 14.37
CA SER A 91 9.90 61.53 14.77
C SER A 91 8.93 60.39 15.09
N GLN A 92 9.17 59.20 14.49
CA GLN A 92 8.31 58.03 14.67
C GLN A 92 9.02 56.70 14.96
N ASN A 93 8.57 56.04 16.05
CA ASN A 93 9.03 54.74 16.55
C ASN A 93 7.80 53.93 17.01
N ASN A 94 7.63 52.72 16.46
CA ASN A 94 6.48 51.85 16.75
C ASN A 94 6.84 50.38 16.90
N TRP A 95 6.26 49.68 17.88
CA TRP A 95 6.51 48.26 18.09
C TRP A 95 5.21 47.46 18.24
N LEU A 96 5.14 46.28 17.60
CA LEU A 96 3.99 45.39 17.66
C LEU A 96 4.45 43.95 17.86
N ARG A 97 4.47 43.50 19.13
CA ARG A 97 4.92 42.16 19.47
C ARG A 97 3.79 41.14 19.49
N THR A 98 3.99 40.03 18.76
CA THR A 98 3.06 38.91 18.63
C THR A 98 3.09 38.04 19.90
N ASP A 99 2.16 37.07 20.00
CA ASP A 99 2.08 36.12 21.12
C ASP A 99 3.20 35.08 21.02
N TRP A 100 3.21 34.11 21.94
CA TRP A 100 4.19 33.02 21.97
C TRP A 100 3.97 32.06 20.79
N ILE A 101 5.03 31.85 20.00
CA ILE A 101 5.01 30.96 18.83
C ILE A 101 5.97 29.80 19.10
N THR A 102 5.42 28.60 19.33
CA THR A 102 6.19 27.38 19.60
C THR A 102 6.77 26.86 18.28
N ARG A 103 7.99 26.31 18.33
CA ARG A 103 8.68 25.75 17.17
C ARG A 103 8.07 24.43 16.70
N GLU A 104 7.78 23.52 17.67
CA GLU A 104 7.23 22.18 17.45
C GLU A 104 8.15 21.30 16.59
N GLY A 105 9.45 21.38 16.88
CA GLY A 105 10.49 20.61 16.20
C GLY A 105 10.84 21.09 14.81
N ALA A 106 10.75 22.41 14.56
CA ALA A 106 11.07 23.01 13.27
C ALA A 106 12.45 23.63 13.22
N GLN A 107 13.09 23.60 12.04
CA GLN A 107 14.42 24.16 11.81
C GLN A 107 14.35 25.55 11.18
N ARG A 108 13.60 25.70 10.07
CA ARG A 108 13.43 26.99 9.40
C ARG A 108 11.95 27.37 9.24
N VAL A 109 11.61 28.60 9.66
CA VAL A 109 10.26 29.15 9.63
C VAL A 109 10.13 30.25 8.56
N TYR A 110 9.07 30.18 7.74
CA TYR A 110 8.75 31.12 6.67
C TYR A 110 7.59 32.03 7.09
N ILE A 111 7.79 33.35 7.05
CA ILE A 111 6.79 34.35 7.44
C ILE A 111 6.23 35.06 6.20
N GLU A 112 4.90 35.02 6.04
CA GLU A 112 4.17 35.64 4.93
C GLU A 112 3.32 36.79 5.48
N ILE A 113 3.68 38.04 5.11
CA ILE A 113 2.98 39.24 5.58
C ILE A 113 2.19 39.91 4.45
N LYS A 114 0.90 40.21 4.72
CA LYS A 114 -0.01 40.88 3.79
C LYS A 114 -0.21 42.30 4.33
N PHE A 115 0.23 43.33 3.57
CA PHE A 115 0.15 44.72 4.01
C PHE A 115 -0.23 45.73 2.93
N THR A 116 -0.95 46.79 3.33
CA THR A 116 -1.38 47.88 2.46
C THR A 116 -0.60 49.16 2.80
N LEU A 117 -0.12 49.88 1.77
CA LEU A 117 0.64 51.11 1.95
C LEU A 117 -0.03 52.36 1.34
N ARG A 118 0.60 53.54 1.52
CA ARG A 118 0.14 54.83 1.01
C ARG A 118 1.33 55.62 0.47
N ASP A 119 1.19 56.21 -0.74
CA ASP A 119 2.25 56.99 -1.36
C ASP A 119 2.40 58.35 -0.67
N CYS A 120 3.64 58.70 -0.31
CA CYS A 120 3.98 59.94 0.39
C CYS A 120 3.76 61.21 -0.42
N ASN A 121 3.82 61.11 -1.76
CA ASN A 121 3.60 62.22 -2.68
C ASN A 121 2.11 62.49 -2.91
N SER A 122 1.29 61.43 -2.85
CA SER A 122 -0.17 61.52 -3.03
C SER A 122 -0.86 62.14 -1.80
N LEU A 123 -0.23 62.05 -0.61
CA LEU A 123 -0.74 62.60 0.64
C LEU A 123 -0.07 63.95 0.98
N PRO A 124 -0.82 64.95 1.47
CA PRO A 124 -0.19 66.25 1.79
C PRO A 124 0.72 66.21 3.01
N GLY A 125 1.84 66.93 2.90
CA GLY A 125 2.85 67.03 3.95
C GLY A 125 4.28 67.11 3.45
N VAL A 126 5.24 67.24 4.39
CA VAL A 126 6.68 67.34 4.09
C VAL A 126 7.24 65.95 3.75
N MET A 127 8.21 65.90 2.80
CA MET A 127 8.90 64.67 2.39
C MET A 127 9.83 64.20 3.51
N GLY A 128 10.00 62.89 3.64
CA GLY A 128 10.85 62.30 4.66
C GLY A 128 10.11 61.92 5.92
N THR A 129 9.12 62.77 6.35
CA THR A 129 8.27 62.54 7.53
C THR A 129 7.44 61.29 7.29
N CYS A 130 6.97 61.12 6.04
CA CYS A 130 6.24 59.96 5.57
C CYS A 130 7.25 58.96 5.02
N LYS A 131 6.97 57.66 5.19
CA LYS A 131 7.82 56.59 4.70
C LYS A 131 7.02 55.55 3.90
N GLU A 132 7.74 54.64 3.21
CA GLU A 132 7.15 53.57 2.39
C GLU A 132 7.82 52.21 2.69
N THR A 133 8.53 52.13 3.83
CA THR A 133 9.25 50.93 4.29
C THR A 133 9.02 50.69 5.79
N PHE A 134 9.07 49.41 6.22
CA PHE A 134 8.90 49.02 7.61
C PHE A 134 9.83 47.84 7.98
N ASN A 135 10.45 47.91 9.17
CA ASN A 135 11.39 46.91 9.68
C ASN A 135 10.70 45.72 10.35
N LEU A 136 11.28 44.52 10.20
CA LEU A 136 10.79 43.27 10.78
C LEU A 136 11.79 42.71 11.79
N TYR A 137 11.30 42.29 12.97
CA TYR A 137 12.13 41.77 14.05
C TYR A 137 11.67 40.41 14.58
N TYR A 138 12.62 39.65 15.18
CA TYR A 138 12.37 38.35 15.79
C TYR A 138 13.28 38.13 17.00
N TYR A 139 12.76 37.46 18.03
CA TYR A 139 13.51 37.14 19.24
C TYR A 139 13.18 35.74 19.74
N GLU A 140 14.22 34.92 19.95
CA GLU A 140 14.10 33.54 20.44
C GLU A 140 14.04 33.50 21.95
N SER A 141 13.09 32.72 22.51
CA SER A 141 12.89 32.57 23.94
C SER A 141 12.46 31.15 24.31
N ASP A 142 12.58 30.79 25.60
CA ASP A 142 12.20 29.49 26.16
C ASP A 142 11.01 29.63 27.11
N ASN A 143 10.81 30.84 27.66
CA ASN A 143 9.72 31.17 28.59
C ASN A 143 8.39 31.24 27.85
N ASP A 144 7.39 30.46 28.31
CA ASP A 144 6.05 30.37 27.72
C ASP A 144 5.28 31.69 27.75
N LYS A 145 4.99 32.21 28.96
CA LYS A 145 4.25 33.46 29.15
C LYS A 145 5.16 34.59 29.65
N GLU A 146 5.91 35.21 28.74
CA GLU A 146 6.82 36.31 29.07
C GLU A 146 6.03 37.61 29.18
N ARG A 147 6.18 38.30 30.31
CA ARG A 147 5.51 39.56 30.63
C ARG A 147 5.99 40.70 29.73
N PHE A 148 7.31 40.77 29.47
CA PHE A 148 7.94 41.80 28.64
C PHE A 148 9.23 41.33 27.96
N ILE A 149 9.38 41.70 26.68
CA ILE A 149 10.55 41.42 25.85
C ILE A 149 11.19 42.76 25.49
N ARG A 150 12.50 42.91 25.82
CA ARG A 150 13.31 44.10 25.59
C ARG A 150 13.29 44.60 24.14
N GLU A 151 13.22 45.93 23.95
CA GLU A 151 13.20 46.61 22.66
C GLU A 151 14.55 46.53 21.94
N ASN A 152 15.64 46.33 22.70
CA ASN A 152 17.01 46.23 22.20
C ASN A 152 17.39 44.78 21.85
N GLN A 153 16.84 43.80 22.59
CA GLN A 153 17.12 42.37 22.43
C GLN A 153 16.63 41.75 21.11
N PHE A 154 15.74 42.44 20.37
CA PHE A 154 15.20 41.99 19.09
C PHE A 154 16.25 41.95 17.98
N VAL A 155 16.15 40.96 17.09
CA VAL A 155 17.05 40.77 15.95
C VAL A 155 16.32 41.13 14.66
N LYS A 156 16.86 42.11 13.90
CA LYS A 156 16.29 42.59 12.65
C LYS A 156 16.45 41.59 11.51
N ILE A 157 15.42 41.48 10.65
CA ILE A 157 15.42 40.59 9.50
C ILE A 157 15.65 41.38 8.21
N ASP A 158 14.69 42.25 7.81
CA ASP A 158 14.76 43.07 6.60
C ASP A 158 13.74 44.21 6.62
N THR A 159 14.07 45.34 5.97
CA THR A 159 13.20 46.50 5.84
C THR A 159 12.34 46.23 4.60
N ILE A 160 11.05 45.92 4.82
CA ILE A 160 10.10 45.53 3.78
C ILE A 160 9.33 46.69 3.15
N ALA A 161 9.24 46.66 1.80
CA ALA A 161 8.50 47.60 0.96
C ALA A 161 7.55 46.81 0.08
N ALA A 162 6.41 47.41 -0.32
CA ALA A 162 5.40 46.74 -1.14
C ALA A 162 5.84 46.49 -2.58
N ASP A 163 6.11 45.21 -2.88
CA ASP A 163 6.54 44.70 -4.19
C ASP A 163 5.42 43.84 -4.81
N GLU A 164 5.08 44.01 -6.11
CA GLU A 164 5.68 44.93 -7.08
C GLU A 164 5.05 46.33 -7.01
N SER A 165 3.71 46.42 -7.05
CA SER A 165 2.98 47.69 -7.01
C SER A 165 2.39 47.98 -5.62
N PHE A 166 2.21 49.27 -5.31
CA PHE A 166 1.64 49.73 -4.03
C PHE A 166 0.54 50.76 -4.24
N THR A 167 -0.50 50.70 -3.39
CA THR A 167 -1.65 51.61 -3.43
C THR A 167 -1.26 53.01 -2.97
N GLN A 168 -1.75 54.04 -3.69
CA GLN A 168 -1.47 55.45 -3.39
C GLN A 168 -2.27 56.12 -2.25
N VAL A 169 -3.61 55.89 -2.07
CA VAL A 169 -4.55 55.07 -2.84
C VAL A 169 -5.29 55.96 -3.86
N ASP A 170 -5.76 55.36 -4.98
CA ASP A 170 -6.50 56.04 -6.04
C ASP A 170 -7.76 56.71 -5.50
N ILE A 171 -7.89 58.02 -5.76
CA ILE A 171 -8.99 58.87 -5.31
C ILE A 171 -10.33 58.66 -5.99
N GLY A 172 -10.31 58.39 -7.29
CA GLY A 172 -11.50 58.15 -8.10
C GLY A 172 -12.24 56.89 -7.72
N ASP A 173 -11.57 55.74 -7.81
CA ASP A 173 -12.10 54.43 -7.46
C ASP A 173 -11.19 53.71 -6.47
N ARG A 174 -11.79 52.92 -5.57
CA ARG A 174 -11.06 52.19 -4.53
C ARG A 174 -10.89 50.71 -4.87
N ILE A 175 -9.61 50.27 -5.01
CA ILE A 175 -9.24 48.90 -5.33
C ILE A 175 -8.25 48.33 -4.31
N MET A 176 -8.48 47.08 -3.86
CA MET A 176 -7.67 46.36 -2.89
C MET A 176 -6.30 45.98 -3.46
N LYS A 177 -5.27 45.99 -2.61
CA LYS A 177 -3.90 45.62 -2.97
C LYS A 177 -3.76 44.10 -3.10
N LEU A 178 -2.70 43.63 -3.79
CA LEU A 178 -2.42 42.20 -3.97
C LEU A 178 -0.96 41.84 -3.64
N ASN A 179 -0.27 42.69 -2.87
CA ASN A 179 1.13 42.45 -2.48
C ASN A 179 1.29 41.66 -1.18
N THR A 180 1.97 40.51 -1.28
CA THR A 180 2.27 39.60 -0.18
C THR A 180 3.77 39.36 -0.16
N GLU A 181 4.43 39.72 0.96
CA GLU A 181 5.89 39.57 1.09
C GLU A 181 6.30 38.43 2.01
N ILE A 182 7.23 37.59 1.55
CA ILE A 182 7.74 36.43 2.28
C ILE A 182 9.20 36.58 2.73
N ARG A 183 9.48 36.24 4.00
CA ARG A 183 10.82 36.30 4.60
C ARG A 183 11.11 35.02 5.41
N ASP A 184 12.31 34.45 5.22
CA ASP A 184 12.76 33.23 5.90
C ASP A 184 13.61 33.52 7.13
N VAL A 185 13.54 32.63 8.14
CA VAL A 185 14.30 32.75 9.39
C VAL A 185 14.78 31.39 9.93
N GLY A 186 16.09 31.25 10.10
CA GLY A 186 16.73 30.04 10.60
C GLY A 186 18.25 30.06 10.55
N PRO A 187 18.96 29.18 11.29
CA PRO A 187 18.46 28.13 12.20
C PRO A 187 18.01 28.65 13.56
N LEU A 188 17.10 27.90 14.21
CA LEU A 188 16.55 28.25 15.52
C LEU A 188 16.99 27.24 16.58
N SER A 189 17.54 27.73 17.71
CA SER A 189 18.05 26.91 18.80
C SER A 189 17.10 26.76 19.99
N LYS A 190 16.50 27.87 20.46
CA LYS A 190 15.59 27.91 21.60
C LYS A 190 14.24 27.23 21.37
N LYS A 191 13.40 27.15 22.44
CA LYS A 191 12.07 26.52 22.44
C LYS A 191 11.09 27.14 21.44
N GLY A 192 11.05 28.47 21.38
CA GLY A 192 10.17 29.21 20.48
C GLY A 192 10.68 30.59 20.12
N PHE A 193 9.79 31.43 19.54
CA PHE A 193 10.13 32.78 19.11
C PHE A 193 8.96 33.78 19.14
N TYR A 194 9.29 35.08 19.19
CA TYR A 194 8.34 36.20 19.17
C TYR A 194 8.64 37.08 17.96
N LEU A 195 7.61 37.62 17.31
CA LEU A 195 7.76 38.50 16.14
C LEU A 195 7.38 39.94 16.45
N ALA A 196 8.09 40.90 15.83
CA ALA A 196 7.86 42.34 16.00
C ALA A 196 7.88 43.10 14.67
N PHE A 197 7.18 44.24 14.62
CA PHE A 197 7.06 45.12 13.46
C PHE A 197 7.45 46.56 13.86
N GLN A 198 8.27 47.24 13.05
CA GLN A 198 8.70 48.62 13.31
C GLN A 198 8.31 49.59 12.20
N ASP A 199 7.57 50.63 12.57
CA ASP A 199 7.09 51.70 11.69
C ASP A 199 7.98 52.92 11.86
N VAL A 200 8.53 53.43 10.75
CA VAL A 200 9.41 54.61 10.77
C VAL A 200 8.74 55.90 10.23
N GLY A 201 7.42 55.96 10.40
CA GLY A 201 6.59 57.08 9.97
C GLY A 201 5.79 56.84 8.71
N ALA A 202 5.45 55.57 8.43
CA ALA A 202 4.68 55.18 7.24
C ALA A 202 3.19 55.01 7.54
N CYS A 203 2.35 54.99 6.49
CA CYS A 203 0.91 54.78 6.60
C CYS A 203 0.65 53.34 6.13
N ILE A 204 0.79 52.37 7.05
CA ILE A 204 0.70 50.93 6.79
C ILE A 204 -0.46 50.21 7.51
N ALA A 205 -1.06 49.23 6.82
CA ALA A 205 -2.16 48.41 7.31
C ALA A 205 -1.85 46.91 7.11
N LEU A 206 -1.47 46.20 8.19
CA LEU A 206 -1.15 44.77 8.15
C LEU A 206 -2.44 43.94 8.13
N VAL A 207 -2.75 43.33 6.98
CA VAL A 207 -3.96 42.53 6.77
C VAL A 207 -3.86 41.14 7.40
N SER A 208 -2.90 40.30 6.95
CA SER A 208 -2.73 38.92 7.45
C SER A 208 -1.27 38.55 7.63
N VAL A 209 -0.96 37.83 8.74
CA VAL A 209 0.38 37.36 9.08
C VAL A 209 0.35 35.83 9.15
N ARG A 210 0.98 35.16 8.16
CA ARG A 210 1.05 33.70 8.07
C ARG A 210 2.42 33.23 8.54
N VAL A 211 2.45 32.40 9.58
CA VAL A 211 3.67 31.85 10.16
C VAL A 211 3.64 30.33 9.95
N PHE A 212 4.46 29.84 9.01
CA PHE A 212 4.53 28.42 8.69
C PHE A 212 5.96 27.90 8.50
N TYR A 213 6.12 26.56 8.52
CA TYR A 213 7.41 25.89 8.34
C TYR A 213 7.33 24.77 7.31
N LYS A 214 8.25 24.82 6.34
CA LYS A 214 8.34 23.85 5.25
C LYS A 214 8.96 22.54 5.72
N LYS A 215 6.29 21.04 4.66
CA LYS A 215 6.91 19.81 5.12
C LYS A 215 6.89 18.72 4.05
N CYS A 216 7.83 17.76 4.15
CA CYS A 216 7.94 16.61 3.25
C CYS A 216 6.79 15.62 3.53
N PRO A 217 5.99 15.24 2.51
CA PRO A 217 4.84 14.36 2.77
C PRO A 217 5.15 12.90 3.03
N LEU A 218 4.20 12.20 3.70
CA LEU A 218 4.27 10.77 4.02
C LEU A 218 3.90 10.00 2.75
N THR A 219 4.91 9.41 2.08
CA THR A 219 4.72 8.65 0.84
C THR A 219 5.29 7.23 0.91
N VAL A 220 4.61 6.28 0.25
CA VAL A 220 5.02 4.88 0.19
C VAL A 220 5.53 4.58 -1.22
N ARG A 221 6.86 4.67 -1.41
CA ARG A 221 7.53 4.43 -2.69
C ARG A 221 8.47 3.24 -2.59
N ASN A 222 8.54 2.44 -3.68
CA ASN A 222 9.36 1.22 -3.80
C ASN A 222 9.05 0.19 -2.69
N LEU A 223 7.73 0.00 -2.42
CA LEU A 223 7.15 -0.89 -1.42
C LEU A 223 7.51 -0.57 0.05
N ALA A 224 8.28 0.52 0.29
CA ALA A 224 8.70 0.96 1.62
C ALA A 224 8.01 2.25 2.05
N GLN A 225 7.60 2.33 3.34
CA GLN A 225 6.92 3.48 3.92
C GLN A 225 7.91 4.56 4.40
N PHE A 226 7.65 5.82 4.04
CA PHE A 226 8.49 6.96 4.45
C PHE A 226 7.64 7.98 5.22
N PRO A 227 8.08 8.42 6.43
CA PRO A 227 7.23 9.36 7.20
C PRO A 227 7.42 10.84 6.90
N ASP A 228 6.55 11.69 7.47
CA ASP A 228 6.58 13.14 7.34
C ASP A 228 7.81 13.67 8.08
N THR A 229 8.65 14.45 7.38
CA THR A 229 9.88 14.99 7.94
C THR A 229 10.03 16.49 7.76
N ILE A 230 10.68 17.14 8.73
CA ILE A 230 10.97 18.57 8.74
C ILE A 230 12.15 18.89 7.82
N THR A 231 12.19 20.11 7.28
CA THR A 231 13.25 20.57 6.38
C THR A 231 14.48 21.01 7.16
N GLY A 232 15.61 21.12 6.47
CA GLY A 232 16.90 21.52 7.05
C GLY A 232 16.96 22.94 7.57
N ALA A 233 18.11 23.30 8.14
CA ALA A 233 18.38 24.62 8.72
C ALA A 233 18.50 25.71 7.65
N ASP A 234 18.83 25.33 6.41
CA ASP A 234 18.99 26.24 5.28
C ASP A 234 18.15 25.82 4.07
N THR A 235 18.03 26.71 3.08
CA THR A 235 17.31 26.45 1.83
C THR A 235 18.11 25.49 0.93
N SER A 236 19.41 25.34 1.20
CA SER A 236 20.33 24.45 0.49
C SER A 236 20.35 23.06 1.13
N SER A 237 20.02 22.99 2.44
CA SER A 237 20.01 21.78 3.26
C SER A 237 18.98 20.72 2.82
N LEU A 238 19.36 19.44 2.96
CA LEU A 238 18.56 18.25 2.62
C LEU A 238 18.64 17.26 3.78
N VAL A 239 17.52 16.55 4.07
CA VAL A 239 17.46 15.58 5.16
C VAL A 239 17.32 14.14 4.64
N GLU A 240 18.28 13.26 5.00
CA GLU A 240 18.29 11.85 4.60
C GLU A 240 17.25 11.09 5.45
N VAL A 241 16.17 10.62 4.80
CA VAL A 241 15.07 9.91 5.46
C VAL A 241 15.11 8.42 5.13
N ARG A 242 15.49 7.58 6.11
CA ARG A 242 15.54 6.13 5.95
C ARG A 242 14.26 5.53 6.53
N GLY A 243 13.32 5.22 5.65
CA GLY A 243 12.02 4.69 6.01
C GLY A 243 11.93 3.18 6.09
N SER A 244 11.14 2.68 7.05
CA SER A 244 10.90 1.26 7.30
C SER A 244 9.94 0.68 6.26
N CYS A 245 10.10 -0.62 5.96
CA CYS A 245 9.27 -1.32 4.98
C CYS A 245 7.97 -1.86 5.61
N VAL A 246 6.96 -2.18 4.76
CA VAL A 246 5.65 -2.71 5.12
C VAL A 246 5.78 -4.06 5.87
N ASN A 247 4.85 -4.33 6.83
CA ASN A 247 4.80 -5.53 7.68
C ASN A 247 4.94 -6.86 6.92
N ASN A 248 4.32 -6.97 5.73
CA ASN A 248 4.37 -8.18 4.90
C ASN A 248 5.47 -8.07 3.81
N SER A 249 6.62 -7.48 4.17
CA SER A 249 7.76 -7.27 3.28
C SER A 249 9.12 -7.45 3.97
N GLU A 250 10.18 -7.59 3.16
CA GLU A 250 11.56 -7.75 3.62
C GLU A 250 12.48 -6.81 2.85
N GLU A 251 13.35 -6.08 3.58
CA GLU A 251 14.29 -5.12 2.99
C GLU A 251 15.45 -5.83 2.29
N LYS A 252 15.46 -5.78 0.95
CA LYS A 252 16.51 -6.36 0.12
C LYS A 252 17.65 -5.36 0.02
N ASP A 253 17.31 -4.08 -0.14
CA ASP A 253 18.22 -2.94 -0.21
C ASP A 253 17.73 -1.87 0.76
N VAL A 254 18.66 -1.11 1.39
CA VAL A 254 18.35 -0.06 2.36
C VAL A 254 17.56 1.09 1.68
N PRO A 255 16.28 1.31 2.06
CA PRO A 255 15.50 2.37 1.40
C PRO A 255 15.71 3.76 2.02
N LYS A 256 16.10 4.73 1.18
CA LYS A 256 16.34 6.11 1.61
C LYS A 256 15.97 7.19 0.59
N MET A 257 15.59 8.38 1.10
CA MET A 257 15.20 9.54 0.31
C MET A 257 15.74 10.84 0.93
N TYR A 258 15.69 11.95 0.17
CA TYR A 258 16.15 13.25 0.64
C TYR A 258 15.03 14.28 0.70
N CYS A 259 14.88 14.94 1.86
CA CYS A 259 13.84 15.95 2.11
C CYS A 259 14.29 17.33 1.65
N GLY A 260 13.73 17.78 0.54
CA GLY A 260 14.02 19.08 -0.05
C GLY A 260 13.37 20.21 0.72
N ALA A 261 14.07 21.35 0.79
CA ALA A 261 13.65 22.57 1.50
C ALA A 261 12.32 23.15 1.01
N ASP A 262 11.97 22.90 -0.28
CA ASP A 262 10.72 23.35 -0.90
C ASP A 262 9.49 22.65 -0.32
N GLY A 263 9.70 21.43 0.18
CA GLY A 263 8.66 20.60 0.77
C GLY A 263 8.29 19.40 -0.07
N GLU A 264 9.24 18.89 -0.86
CA GLU A 264 9.03 17.74 -1.74
C GLU A 264 10.11 16.66 -1.61
N TRP A 265 9.69 15.40 -1.72
CA TRP A 265 10.52 14.20 -1.64
C TRP A 265 11.37 14.01 -2.91
N LEU A 266 12.59 13.46 -2.76
CA LEU A 266 13.50 13.21 -3.87
C LEU A 266 13.49 11.75 -4.35
N VAL A 267 14.19 11.49 -5.48
CA VAL A 267 14.31 10.17 -6.14
C VAL A 267 14.79 9.10 -5.15
N PRO A 268 14.04 7.97 -4.99
CA PRO A 268 14.43 6.94 -4.01
C PRO A 268 15.73 6.21 -4.30
N ILE A 269 16.42 5.80 -3.23
CA ILE A 269 17.68 5.04 -3.25
C ILE A 269 17.42 3.74 -2.48
N GLY A 270 17.52 2.61 -3.15
CA GLY A 270 17.29 1.31 -2.56
C GLY A 270 15.85 0.85 -2.68
N ASN A 271 15.65 -0.43 -3.05
CA ASN A 271 14.33 -1.02 -3.25
C ASN A 271 13.98 -2.09 -2.23
N CYS A 272 12.68 -2.20 -1.90
CA CYS A 272 12.12 -3.19 -0.98
C CYS A 272 11.17 -4.11 -1.74
N LEU A 273 11.23 -5.42 -1.44
CA LEU A 273 10.38 -6.40 -2.09
C LEU A 273 9.49 -7.08 -1.08
N CYS A 274 8.20 -7.31 -1.43
CA CYS A 274 7.22 -7.99 -0.59
C CYS A 274 7.67 -9.43 -0.27
N ASN A 275 7.32 -9.93 0.94
CA ASN A 275 7.66 -11.27 1.45
C ASN A 275 6.99 -12.39 0.65
N ALA A 276 7.44 -13.65 0.86
CA ALA A 276 6.92 -14.85 0.22
C ALA A 276 5.43 -15.02 0.60
N GLY A 277 4.61 -15.27 -0.41
CA GLY A 277 3.17 -15.39 -0.25
C GLY A 277 2.44 -14.07 -0.34
N HIS A 278 3.16 -13.02 -0.81
CA HIS A 278 2.64 -11.66 -0.98
C HIS A 278 3.18 -11.04 -2.26
N GLU A 279 2.27 -10.54 -3.13
CA GLU A 279 2.61 -9.92 -4.41
C GLU A 279 2.94 -8.43 -4.32
N GLU A 280 3.83 -7.96 -5.20
CA GLU A 280 4.29 -6.56 -5.29
C GLU A 280 3.36 -5.70 -6.16
N ARG A 281 2.09 -5.58 -5.76
CA ARG A 281 1.08 -4.81 -6.49
C ARG A 281 0.38 -3.77 -5.62
N SER A 282 0.09 -2.58 -6.22
CA SER A 282 -0.60 -1.41 -5.67
C SER A 282 0.24 -0.50 -4.75
N GLY A 283 1.53 -0.75 -4.67
CA GLY A 283 2.45 0.05 -3.84
C GLY A 283 2.54 -0.40 -2.40
N GLU A 284 1.57 -1.26 -1.97
CA GLU A 284 1.46 -1.86 -0.64
C GLU A 284 1.32 -3.36 -0.77
N CYS A 285 2.01 -4.13 0.10
CA CYS A 285 2.01 -5.60 0.07
C CYS A 285 0.63 -6.24 0.17
N GLN A 286 0.19 -6.88 -0.95
CA GLN A 286 -1.07 -7.57 -1.08
C GLN A 286 -0.89 -9.10 -1.05
N ALA A 287 -1.91 -9.81 -0.55
CA ALA A 287 -1.92 -11.27 -0.42
C ALA A 287 -2.33 -11.95 -1.73
N CYS A 288 -1.84 -13.19 -1.95
CA CYS A 288 -2.16 -14.00 -3.14
C CYS A 288 -3.61 -14.45 -3.10
N LYS A 289 -4.36 -14.29 -4.20
CA LYS A 289 -5.77 -14.67 -4.33
C LYS A 289 -6.02 -16.17 -4.18
N ILE A 290 -7.28 -16.56 -3.89
CA ILE A 290 -7.71 -17.96 -3.71
C ILE A 290 -7.51 -18.74 -5.03
N GLY A 291 -6.43 -19.51 -5.06
CA GLY A 291 -6.02 -20.30 -6.22
C GLY A 291 -4.68 -19.85 -6.78
N TYR A 292 -3.95 -19.06 -6.00
CA TYR A 292 -2.63 -18.51 -6.33
C TYR A 292 -1.64 -18.67 -5.17
N TYR A 293 -0.33 -18.79 -5.48
CA TYR A 293 0.72 -18.99 -4.49
C TYR A 293 2.06 -18.31 -4.85
N LYS A 294 2.91 -18.10 -3.82
CA LYS A 294 4.25 -17.52 -3.94
C LYS A 294 5.12 -18.11 -2.83
N ALA A 295 6.11 -18.93 -3.20
CA ALA A 295 7.00 -19.61 -2.25
C ALA A 295 8.29 -18.84 -1.93
N LEU A 296 8.86 -18.17 -2.93
CA LEU A 296 10.09 -17.39 -2.78
C LEU A 296 9.87 -15.91 -3.03
N SER A 297 10.57 -15.06 -2.27
CA SER A 297 10.50 -13.60 -2.38
C SER A 297 11.20 -13.13 -3.66
N THR A 298 10.48 -13.22 -4.78
CA THR A 298 10.95 -12.84 -6.12
C THR A 298 10.15 -11.64 -6.65
N ASP A 299 10.60 -11.05 -7.78
CA ASP A 299 9.94 -9.90 -8.41
C ASP A 299 8.63 -10.30 -9.11
N ALA A 300 8.49 -11.60 -9.45
CA ALA A 300 7.30 -12.16 -10.11
C ALA A 300 6.08 -12.21 -9.18
N THR A 301 4.87 -12.17 -9.78
CA THR A 301 3.58 -12.20 -9.07
C THR A 301 3.20 -13.61 -8.61
N CYS A 302 2.06 -13.74 -7.88
CA CYS A 302 1.56 -15.03 -7.37
C CYS A 302 1.12 -15.92 -8.53
N ALA A 303 1.83 -17.05 -8.72
CA ALA A 303 1.55 -18.02 -9.78
C ALA A 303 0.32 -18.86 -9.42
N LYS A 304 -0.43 -19.32 -10.44
CA LYS A 304 -1.63 -20.15 -10.28
C LYS A 304 -1.23 -21.55 -9.80
N CYS A 305 -2.14 -22.22 -9.04
CA CYS A 305 -1.92 -23.57 -8.50
C CYS A 305 -1.53 -24.57 -9.61
N PRO A 306 -0.49 -25.41 -9.39
CA PRO A 306 -0.07 -26.36 -10.44
C PRO A 306 -1.12 -27.46 -10.71
N PRO A 307 -1.03 -28.23 -11.84
CA PRO A 307 -2.04 -29.27 -12.08
C PRO A 307 -2.21 -30.27 -10.95
N HIS A 308 -3.48 -30.63 -10.65
CA HIS A 308 -3.90 -31.56 -9.60
C HIS A 308 -3.60 -31.07 -8.16
N SER A 309 -3.43 -29.75 -7.97
CA SER A 309 -3.16 -29.14 -6.67
C SER A 309 -4.37 -28.37 -6.14
N TYR A 310 -4.78 -28.67 -4.90
CA TYR A 310 -5.92 -28.05 -4.22
C TYR A 310 -5.65 -26.60 -3.85
N SER A 311 -6.65 -25.73 -4.10
CA SER A 311 -6.58 -24.30 -3.82
C SER A 311 -6.68 -24.01 -2.32
N VAL A 312 -5.73 -23.23 -1.79
CA VAL A 312 -5.68 -22.83 -0.38
C VAL A 312 -6.30 -21.43 -0.21
N TRP A 313 -6.35 -20.93 1.04
CA TRP A 313 -6.88 -19.60 1.39
C TRP A 313 -6.00 -18.46 0.88
N GLU A 314 -6.46 -17.20 1.08
CA GLU A 314 -5.76 -15.98 0.65
C GLU A 314 -4.39 -15.84 1.33
N GLY A 315 -3.36 -15.59 0.52
CA GLY A 315 -1.98 -15.44 0.97
C GLY A 315 -1.32 -16.78 1.25
N ALA A 316 -1.25 -17.64 0.21
CA ALA A 316 -0.68 -18.98 0.31
C ALA A 316 0.78 -19.04 -0.15
N THR A 317 1.59 -19.83 0.58
CA THR A 317 3.01 -20.04 0.27
C THR A 317 3.12 -21.05 -0.89
N SER A 318 2.38 -22.16 -0.81
CA SER A 318 2.35 -23.21 -1.82
C SER A 318 0.99 -23.90 -1.84
N CYS A 319 0.46 -24.20 -3.05
CA CYS A 319 -0.83 -24.86 -3.21
C CYS A 319 -0.75 -26.31 -2.74
N THR A 320 -1.49 -26.63 -1.66
CA THR A 320 -1.53 -27.95 -1.02
C THR A 320 -2.08 -29.05 -1.95
N CYS A 321 -1.57 -30.28 -1.80
CA CYS A 321 -1.97 -31.43 -2.62
C CYS A 321 -3.23 -32.09 -2.06
N ASP A 322 -4.24 -32.29 -2.92
CA ASP A 322 -5.49 -32.94 -2.55
C ASP A 322 -5.35 -34.45 -2.39
N ARG A 323 -6.25 -35.09 -1.63
CA ARG A 323 -6.32 -36.53 -1.33
C ARG A 323 -6.09 -37.39 -2.57
N GLY A 324 -5.12 -38.30 -2.49
CA GLY A 324 -4.75 -39.20 -3.57
C GLY A 324 -3.53 -38.75 -4.34
N PHE A 325 -3.16 -37.46 -4.22
CA PHE A 325 -2.02 -36.82 -4.87
C PHE A 325 -1.10 -36.21 -3.81
N PHE A 326 0.23 -36.30 -3.98
CA PHE A 326 1.21 -35.75 -3.04
C PHE A 326 2.47 -35.19 -3.70
N ARG A 327 3.34 -34.52 -2.91
CA ARG A 327 4.59 -33.92 -3.35
C ARG A 327 5.70 -34.18 -2.32
N ALA A 328 6.92 -34.50 -2.79
CA ALA A 328 8.08 -34.80 -1.94
C ALA A 328 8.65 -33.55 -1.26
N ASP A 329 9.35 -33.74 -0.13
CA ASP A 329 10.00 -32.69 0.67
C ASP A 329 11.14 -32.02 -0.08
N ASN A 330 11.96 -32.80 -0.81
CA ASN A 330 13.10 -32.30 -1.59
C ASN A 330 12.69 -31.84 -3.00
N ASP A 331 11.40 -31.99 -3.35
CA ASP A 331 10.85 -31.58 -4.65
C ASP A 331 10.48 -30.10 -4.62
N ALA A 332 10.59 -29.43 -5.79
CA ALA A 332 10.30 -28.01 -5.97
C ALA A 332 8.81 -27.69 -5.83
N ALA A 333 8.49 -26.47 -5.34
CA ALA A 333 7.13 -25.98 -5.14
C ALA A 333 6.35 -25.79 -6.46
N SER A 334 7.07 -25.45 -7.55
CA SER A 334 6.50 -25.24 -8.88
C SER A 334 5.96 -26.53 -9.51
N MET A 335 6.52 -27.69 -9.12
CA MET A 335 6.17 -29.02 -9.60
C MET A 335 4.71 -29.41 -9.25
N PRO A 336 3.98 -30.11 -10.15
CA PRO A 336 2.60 -30.50 -9.82
C PRO A 336 2.53 -31.67 -8.85
N CYS A 337 1.34 -31.91 -8.26
CA CYS A 337 1.10 -33.01 -7.33
C CYS A 337 1.15 -34.34 -8.07
N THR A 338 2.11 -35.21 -7.68
CA THR A 338 2.34 -36.51 -8.32
C THR A 338 1.67 -37.68 -7.62
N ARG A 339 1.23 -38.66 -8.42
CA ARG A 339 0.56 -39.90 -8.00
C ARG A 339 1.59 -41.00 -7.69
N PRO A 340 1.27 -42.02 -6.86
CA PRO A 340 2.22 -43.13 -6.64
C PRO A 340 2.26 -44.06 -7.86
N PRO A 341 3.29 -44.93 -8.05
CA PRO A 341 3.31 -45.77 -9.26
C PRO A 341 2.54 -47.07 -9.15
N SER A 342 2.13 -47.62 -10.30
CA SER A 342 1.45 -48.90 -10.41
C SER A 342 2.50 -50.02 -10.43
N ALA A 343 2.08 -51.27 -10.19
CA ALA A 343 2.98 -52.42 -10.18
C ALA A 343 3.36 -52.82 -11.61
N PRO A 344 4.61 -53.31 -11.88
CA PRO A 344 4.96 -53.72 -13.26
C PRO A 344 4.15 -54.96 -13.67
N LEU A 345 3.36 -54.83 -14.75
CA LEU A 345 2.44 -55.86 -15.25
C LEU A 345 2.99 -57.24 -15.60
N ASN A 346 4.17 -57.33 -16.23
CA ASN A 346 4.74 -58.64 -16.61
C ASN A 346 5.95 -59.05 -15.78
N LEU A 347 5.98 -60.32 -15.36
CA LEU A 347 7.06 -60.91 -14.58
C LEU A 347 7.54 -62.23 -15.18
N ILE A 348 8.87 -62.36 -15.33
CA ILE A 348 9.53 -63.56 -15.87
C ILE A 348 10.54 -64.08 -14.83
N SER A 349 10.44 -65.36 -14.46
CA SER A 349 11.32 -65.98 -13.47
C SER A 349 12.06 -67.20 -14.01
N ASN A 350 13.36 -67.32 -13.68
CA ASN A 350 14.24 -68.41 -14.09
C ASN A 350 15.05 -68.91 -12.89
N VAL A 351 15.07 -70.24 -12.66
CA VAL A 351 15.80 -70.83 -11.53
C VAL A 351 17.06 -71.61 -11.91
N ASN A 352 18.08 -71.53 -11.04
CA ASN A 352 19.38 -72.21 -11.13
C ASN A 352 19.49 -73.16 -9.93
N GLU A 353 20.61 -73.90 -9.80
CA GLU A 353 20.88 -74.86 -8.71
C GLU A 353 20.76 -74.29 -7.30
N THR A 354 21.28 -73.07 -7.08
CA THR A 354 21.25 -72.38 -5.79
C THR A 354 20.82 -70.90 -5.88
N SER A 355 20.68 -70.38 -7.11
CA SER A 355 20.29 -68.99 -7.38
C SER A 355 19.00 -68.85 -8.21
N VAL A 356 18.40 -67.64 -8.22
CA VAL A 356 17.17 -67.32 -8.96
C VAL A 356 17.29 -65.97 -9.69
N ASN A 357 16.65 -65.85 -10.87
CA ASN A 357 16.64 -64.62 -11.68
C ASN A 357 15.22 -64.13 -11.93
N LEU A 358 14.99 -62.82 -11.74
CA LEU A 358 13.68 -62.20 -11.95
C LEU A 358 13.77 -61.10 -13.01
N GLU A 359 12.74 -61.00 -13.86
CA GLU A 359 12.67 -60.06 -14.98
C GLU A 359 11.30 -59.36 -15.00
N TRP A 360 11.30 -58.03 -15.27
CA TRP A 360 10.10 -57.20 -15.34
C TRP A 360 10.28 -55.95 -16.20
N SER A 361 9.17 -55.37 -16.69
CA SER A 361 9.17 -54.17 -17.53
C SER A 361 8.77 -52.91 -16.73
N SER A 362 8.64 -51.76 -17.42
CA SER A 362 8.28 -50.47 -16.83
C SER A 362 6.82 -50.44 -16.33
N PRO A 363 6.49 -49.67 -15.26
CA PRO A 363 5.10 -49.64 -14.77
C PRO A 363 4.15 -48.90 -15.70
N GLN A 364 2.83 -49.16 -15.57
CA GLN A 364 1.77 -48.55 -16.38
C GLN A 364 1.62 -47.06 -16.14
N ASN A 365 1.31 -46.66 -14.89
CA ASN A 365 1.13 -45.26 -14.51
C ASN A 365 2.29 -44.77 -13.67
N THR A 366 3.09 -43.85 -14.23
CA THR A 366 4.25 -43.25 -13.57
C THR A 366 3.79 -42.23 -12.53
N GLY A 367 2.69 -41.54 -12.81
CA GLY A 367 2.10 -40.52 -11.97
C GLY A 367 2.57 -39.12 -12.33
N GLY A 368 3.86 -39.02 -12.67
CA GLY A 368 4.51 -37.78 -13.06
C GLY A 368 6.01 -37.84 -12.85
N ARG A 369 6.44 -38.32 -11.65
CA ARG A 369 7.84 -38.44 -11.26
C ARG A 369 8.60 -39.46 -12.12
N GLN A 370 9.82 -39.09 -12.55
CA GLN A 370 10.67 -39.92 -13.40
C GLN A 370 11.53 -40.89 -12.60
N ASP A 371 11.87 -40.55 -11.34
CA ASP A 371 12.68 -41.38 -10.46
C ASP A 371 11.94 -42.62 -9.94
N ILE A 372 12.10 -43.74 -10.67
CA ILE A 372 11.46 -45.01 -10.32
C ILE A 372 12.52 -46.08 -10.04
N SER A 373 12.53 -46.59 -8.80
CA SER A 373 13.44 -47.64 -8.33
C SER A 373 12.63 -48.87 -7.90
N TYR A 374 13.25 -50.06 -7.90
CA TYR A 374 12.56 -51.29 -7.53
C TYR A 374 13.14 -51.98 -6.30
N ASN A 375 12.27 -52.36 -5.35
CA ASN A 375 12.64 -53.03 -4.10
C ASN A 375 12.18 -54.49 -4.11
N VAL A 376 13.12 -55.43 -3.88
CA VAL A 376 12.85 -56.87 -3.87
C VAL A 376 12.66 -57.34 -2.42
N VAL A 377 11.48 -57.89 -2.11
CA VAL A 377 11.13 -58.34 -0.77
C VAL A 377 10.93 -59.87 -0.75
N CYS A 378 11.60 -60.55 0.20
CA CYS A 378 11.53 -62.01 0.39
C CYS A 378 10.40 -62.31 1.37
N LYS A 379 9.46 -63.19 0.99
CA LYS A 379 8.30 -63.51 1.83
C LYS A 379 8.33 -64.90 2.46
N LYS A 380 8.80 -65.93 1.72
CA LYS A 380 8.89 -67.34 2.14
C LYS A 380 7.51 -67.96 2.49
N CYS A 381 6.44 -67.46 1.83
CA CYS A 381 5.07 -67.93 2.06
C CYS A 381 4.63 -69.07 1.13
N GLY A 382 5.45 -69.37 0.13
CA GLY A 382 5.22 -70.42 -0.85
C GLY A 382 5.17 -71.82 -0.27
N ALA A 383 5.98 -72.07 0.76
CA ALA A 383 6.05 -73.35 1.45
C ALA A 383 4.88 -73.46 2.42
N GLY A 384 3.93 -74.33 2.09
CA GLY A 384 2.72 -74.54 2.86
C GLY A 384 1.50 -73.87 2.25
N ASP A 385 0.31 -74.43 2.52
CA ASP A 385 -0.98 -73.94 2.04
C ASP A 385 -1.51 -72.66 2.73
N PRO A 386 -1.42 -72.48 4.08
CA PRO A 386 -1.99 -71.25 4.68
C PRO A 386 -1.30 -69.95 4.33
N SER A 387 -2.03 -68.83 4.49
CA SER A 387 -1.55 -67.47 4.23
C SER A 387 -0.52 -67.01 5.26
N LYS A 388 -0.63 -67.51 6.52
CA LYS A 388 0.29 -67.17 7.61
C LYS A 388 1.67 -67.77 7.34
N CYS A 389 2.71 -66.93 7.43
CA CYS A 389 4.09 -67.33 7.11
C CYS A 389 5.16 -66.59 7.93
N ARG A 390 6.42 -67.07 7.83
CA ARG A 390 7.60 -66.50 8.50
C ARG A 390 8.43 -65.72 7.46
N PRO A 391 8.88 -64.48 7.77
CA PRO A 391 9.69 -63.75 6.78
C PRO A 391 11.12 -64.25 6.67
N CYS A 392 11.80 -63.89 5.56
CA CYS A 392 13.18 -64.30 5.29
C CYS A 392 14.16 -63.59 6.23
N GLY A 393 14.45 -64.26 7.34
CA GLY A 393 15.35 -63.79 8.38
C GLY A 393 16.82 -64.02 8.09
N SER A 394 17.14 -65.10 7.36
CA SER A 394 18.50 -65.48 6.97
C SER A 394 19.11 -64.47 6.00
N GLY A 395 20.44 -64.37 6.01
CA GLY A 395 21.20 -63.45 5.18
C GLY A 395 21.11 -63.73 3.69
N VAL A 396 20.10 -63.16 3.04
CA VAL A 396 19.87 -63.32 1.60
C VAL A 396 20.71 -62.25 0.87
N HIS A 397 21.62 -62.71 -0.02
CA HIS A 397 22.52 -61.85 -0.79
C HIS A 397 21.96 -61.57 -2.19
N TYR A 398 22.15 -60.33 -2.68
CA TYR A 398 21.70 -59.89 -3.99
C TYR A 398 22.86 -59.23 -4.73
N THR A 399 23.18 -59.70 -5.95
CA THR A 399 24.28 -59.15 -6.74
C THR A 399 24.07 -57.72 -7.30
N PRO A 400 22.89 -57.32 -7.85
CA PRO A 400 22.76 -55.94 -8.34
C PRO A 400 22.52 -54.95 -7.21
N GLN A 401 21.42 -55.12 -6.44
CA GLN A 401 21.03 -54.28 -5.30
C GLN A 401 19.99 -54.97 -4.42
N GLN A 402 19.98 -54.64 -3.11
CA GLN A 402 19.05 -55.19 -2.13
C GLN A 402 17.66 -54.56 -2.35
N ASN A 403 17.59 -53.22 -2.28
CA ASN A 403 16.39 -52.40 -2.47
C ASN A 403 16.76 -51.08 -3.15
N GLY A 404 15.82 -50.51 -3.88
CA GLY A 404 16.01 -49.26 -4.61
C GLY A 404 16.83 -49.42 -5.87
N LEU A 405 16.65 -50.55 -6.56
CA LEU A 405 17.35 -50.90 -7.80
C LEU A 405 16.74 -50.17 -8.99
N LYS A 406 17.57 -49.41 -9.73
CA LYS A 406 17.15 -48.66 -10.92
C LYS A 406 17.12 -49.52 -12.19
N THR A 407 17.65 -50.76 -12.11
CA THR A 407 17.71 -51.72 -13.22
C THR A 407 16.43 -52.57 -13.26
N THR A 408 16.00 -52.97 -14.47
CA THR A 408 14.80 -53.79 -14.70
C THR A 408 14.99 -55.29 -14.45
N LYS A 409 16.23 -55.73 -14.09
CA LYS A 409 16.54 -57.13 -13.82
C LYS A 409 17.27 -57.28 -12.48
N VAL A 410 16.91 -58.32 -11.70
CA VAL A 410 17.51 -58.63 -10.41
C VAL A 410 17.97 -60.10 -10.33
N SER A 411 19.02 -60.37 -9.52
CA SER A 411 19.58 -61.70 -9.33
C SER A 411 19.88 -61.97 -7.86
N ILE A 412 19.33 -63.07 -7.32
CA ILE A 412 19.51 -63.51 -5.93
C ILE A 412 20.57 -64.61 -5.92
N THR A 413 21.73 -64.35 -5.29
CA THR A 413 22.87 -65.25 -5.24
C THR A 413 22.66 -66.54 -4.44
N ASP A 414 22.11 -66.43 -3.20
CA ASP A 414 21.91 -67.57 -2.32
C ASP A 414 20.47 -67.84 -1.93
N LEU A 415 20.09 -69.14 -1.89
CA LEU A 415 18.78 -69.67 -1.53
C LEU A 415 18.94 -71.07 -0.95
N LEU A 416 17.97 -71.52 -0.14
CA LEU A 416 17.95 -72.87 0.43
C LEU A 416 17.25 -73.84 -0.50
N ALA A 417 17.90 -74.99 -0.76
CA ALA A 417 17.39 -76.07 -1.62
C ALA A 417 16.18 -76.76 -0.99
N HIS A 418 15.27 -77.30 -1.84
CA HIS A 418 14.03 -77.99 -1.47
C HIS A 418 12.99 -77.11 -0.76
N THR A 419 13.18 -75.78 -0.80
CA THR A 419 12.28 -74.81 -0.16
C THR A 419 11.55 -73.94 -1.19
N ASN A 420 10.26 -73.70 -0.94
CA ASN A 420 9.38 -72.90 -1.79
C ASN A 420 9.40 -71.45 -1.30
N TYR A 421 9.76 -70.51 -2.18
CA TYR A 421 9.84 -69.08 -1.88
C TYR A 421 8.86 -68.24 -2.71
N THR A 422 8.67 -66.97 -2.32
CA THR A 422 7.81 -66.00 -3.02
C THR A 422 8.38 -64.58 -2.94
N PHE A 423 8.67 -63.96 -4.10
CA PHE A 423 9.26 -62.64 -4.19
C PHE A 423 8.29 -61.57 -4.67
N GLU A 424 8.30 -60.40 -4.02
CA GLU A 424 7.45 -59.26 -4.35
C GLU A 424 8.31 -58.10 -4.88
N ILE A 425 8.12 -57.73 -6.16
CA ILE A 425 8.85 -56.62 -6.79
C ILE A 425 8.05 -55.33 -6.59
N TRP A 426 8.47 -54.52 -5.60
CA TRP A 426 7.83 -53.27 -5.22
C TRP A 426 8.32 -52.13 -6.10
N ALA A 427 7.39 -51.42 -6.77
CA ALA A 427 7.71 -50.27 -7.62
C ALA A 427 7.72 -49.02 -6.73
N VAL A 428 8.92 -48.51 -6.41
CA VAL A 428 9.13 -47.37 -5.52
C VAL A 428 9.39 -46.07 -6.29
N ASN A 429 8.62 -45.03 -5.95
CA ASN A 429 8.72 -43.68 -6.51
C ASN A 429 9.44 -42.78 -5.50
N GLY A 430 9.80 -41.58 -5.94
CA GLY A 430 10.44 -40.59 -5.07
C GLY A 430 9.46 -39.98 -4.08
N VAL A 431 8.15 -40.06 -4.42
CA VAL A 431 7.03 -39.56 -3.62
C VAL A 431 6.31 -40.65 -2.82
N SER A 432 6.41 -41.94 -3.24
CA SER A 432 5.78 -43.11 -2.62
C SER A 432 5.95 -43.26 -1.10
N LYS A 433 7.01 -42.64 -0.53
CA LYS A 433 7.28 -42.63 0.91
C LYS A 433 6.29 -41.67 1.59
N TYR A 434 6.15 -40.45 1.03
CA TYR A 434 5.25 -39.38 1.48
C TYR A 434 3.80 -39.78 1.21
N ASN A 435 3.55 -40.44 0.06
CA ASN A 435 2.25 -40.97 -0.37
C ASN A 435 1.91 -42.24 0.44
N PRO A 436 0.63 -42.70 0.50
CA PRO A 436 0.36 -43.97 1.22
C PRO A 436 0.95 -45.15 0.47
N ASN A 437 1.41 -46.19 1.21
CA ASN A 437 2.03 -47.40 0.65
C ASN A 437 1.20 -48.00 -0.49
N PRO A 438 1.83 -48.31 -1.66
CA PRO A 438 1.06 -48.83 -2.80
C PRO A 438 0.15 -50.02 -2.49
N ASP A 439 -1.11 -49.92 -2.91
CA ASP A 439 -2.19 -50.92 -2.71
C ASP A 439 -1.82 -52.32 -3.19
N GLN A 440 -1.09 -52.42 -4.31
CA GLN A 440 -0.69 -53.70 -4.90
C GLN A 440 0.74 -53.70 -5.45
N SER A 441 1.32 -54.90 -5.54
CA SER A 441 2.66 -55.16 -6.07
C SER A 441 2.67 -56.56 -6.69
N VAL A 442 3.05 -56.67 -7.98
CA VAL A 442 3.09 -57.92 -8.73
C VAL A 442 4.16 -58.88 -8.17
N SER A 443 3.70 -60.05 -7.70
CA SER A 443 4.52 -61.10 -7.10
C SER A 443 4.41 -62.43 -7.83
N VAL A 444 5.41 -63.31 -7.64
CA VAL A 444 5.45 -64.66 -8.25
C VAL A 444 6.05 -65.69 -7.29
N THR A 445 5.34 -66.82 -7.11
CA THR A 445 5.75 -67.92 -6.22
C THR A 445 6.59 -68.92 -7.05
N VAL A 446 7.86 -69.12 -6.64
CA VAL A 446 8.83 -70.00 -7.31
C VAL A 446 9.55 -70.96 -6.35
N THR A 447 9.94 -72.15 -6.84
CA THR A 447 10.66 -73.17 -6.06
C THR A 447 12.08 -73.39 -6.60
N THR A 448 13.08 -73.35 -5.69
CA THR A 448 14.51 -73.45 -6.01
C THR A 448 14.98 -74.78 -6.58
N ASN A 449 14.60 -75.89 -5.92
CA ASN A 449 15.00 -77.24 -6.29
C ASN A 449 14.39 -77.78 -7.57
N GLN A 450 13.13 -77.41 -7.86
CA GLN A 450 12.42 -77.91 -9.05
C GLN A 450 13.06 -77.54 -10.39
N ALA A 451 13.18 -78.53 -11.27
CA ALA A 451 13.77 -78.41 -12.60
C ALA A 451 12.86 -77.65 -13.57
N ALA A 452 13.46 -77.15 -14.65
CA ALA A 452 12.79 -76.42 -15.73
C ALA A 452 11.96 -77.40 -16.58
N PRO A 453 10.84 -76.97 -17.23
CA PRO A 453 10.06 -77.94 -18.04
C PRO A 453 10.83 -78.52 -19.22
N SER A 454 10.57 -79.80 -19.53
CA SER A 454 11.19 -80.55 -20.62
C SER A 454 10.70 -80.09 -22.00
N SER A 455 11.29 -80.65 -23.07
CA SER A 455 10.93 -80.34 -24.46
C SER A 455 9.57 -80.94 -24.83
N ILE A 456 8.81 -80.24 -25.68
CA ILE A 456 7.49 -80.66 -26.16
C ILE A 456 7.61 -81.86 -27.10
N ALA A 457 6.76 -82.88 -26.89
CA ALA A 457 6.72 -84.13 -27.64
C ALA A 457 6.46 -83.98 -29.15
N LEU A 458 5.29 -83.46 -29.55
CA LEU A 458 4.95 -83.28 -30.97
C LEU A 458 4.24 -81.97 -31.30
N VAL A 459 4.33 -81.55 -32.57
CA VAL A 459 3.71 -80.35 -33.13
C VAL A 459 3.00 -80.71 -34.44
N GLN A 460 1.78 -80.16 -34.65
CA GLN A 460 0.99 -80.44 -35.84
C GLN A 460 0.26 -79.21 -36.36
N ALA A 461 0.34 -78.99 -37.68
CA ALA A 461 -0.33 -77.88 -38.37
C ALA A 461 -1.71 -78.35 -38.81
N LYS A 462 -2.78 -77.75 -38.27
CA LYS A 462 -4.16 -78.13 -38.55
C LYS A 462 -4.76 -77.46 -39.78
N GLU A 463 -4.49 -76.16 -40.00
CA GLU A 463 -4.99 -75.40 -41.14
C GLU A 463 -3.85 -74.68 -41.87
N VAL A 464 -3.53 -75.14 -43.08
CA VAL A 464 -2.46 -74.57 -43.91
C VAL A 464 -3.06 -73.94 -45.18
N THR A 465 -2.84 -72.63 -45.35
CA THR A 465 -3.32 -71.86 -46.51
C THR A 465 -2.20 -70.98 -47.10
N ARG A 466 -2.49 -70.29 -48.23
CA ARG A 466 -1.55 -69.40 -48.91
C ARG A 466 -1.19 -68.13 -48.13
N TYR A 467 -2.00 -67.78 -47.11
CA TYR A 467 -1.80 -66.60 -46.27
C TYR A 467 -1.63 -66.90 -44.77
N SER A 468 -2.33 -67.95 -44.27
CA SER A 468 -2.30 -68.33 -42.85
C SER A 468 -1.91 -69.80 -42.63
N VAL A 469 -1.21 -70.07 -41.51
CA VAL A 469 -0.75 -71.39 -41.09
C VAL A 469 -1.08 -71.57 -39.60
N ALA A 470 -2.01 -72.48 -39.29
CA ALA A 470 -2.44 -72.78 -37.92
C ALA A 470 -1.49 -73.78 -37.26
N LEU A 471 -1.38 -73.73 -35.92
CA LEU A 471 -0.52 -74.63 -35.15
C LEU A 471 -1.17 -75.15 -33.89
N ALA A 472 -0.88 -76.42 -33.55
CA ALA A 472 -1.39 -77.13 -32.38
C ALA A 472 -0.28 -77.99 -31.77
N TRP A 473 -0.19 -78.02 -30.44
CA TRP A 473 0.84 -78.79 -29.74
C TRP A 473 0.38 -79.41 -28.41
N LEU A 474 1.14 -80.41 -27.94
CA LEU A 474 0.90 -81.09 -26.68
C LEU A 474 1.76 -80.47 -25.57
N GLU A 475 1.33 -80.62 -24.31
CA GLU A 475 2.08 -80.11 -23.16
C GLU A 475 3.29 -81.02 -22.90
N PRO A 476 4.45 -80.49 -22.41
CA PRO A 476 5.61 -81.37 -22.19
C PRO A 476 5.40 -82.52 -21.21
N ASP A 477 6.10 -83.64 -21.46
CA ASP A 477 6.05 -84.88 -20.67
C ASP A 477 6.37 -84.65 -19.18
N ARG A 478 7.38 -83.80 -18.90
CA ARG A 478 7.80 -83.46 -17.55
C ARG A 478 7.66 -81.94 -17.33
N PRO A 479 6.54 -81.46 -16.76
CA PRO A 479 6.39 -80.02 -16.57
C PRO A 479 7.15 -79.43 -15.38
N ASN A 480 7.18 -80.16 -14.24
CA ASN A 480 7.82 -79.78 -12.97
C ASN A 480 7.34 -78.38 -12.54
N GLY A 481 6.02 -78.23 -12.49
CA GLY A 481 5.33 -77.00 -12.15
C GLY A 481 4.20 -76.71 -13.12
N VAL A 482 3.30 -75.78 -12.74
CA VAL A 482 2.14 -75.37 -13.53
C VAL A 482 2.58 -74.57 -14.76
N ILE A 483 2.11 -74.97 -15.96
CA ILE A 483 2.43 -74.32 -17.23
C ILE A 483 1.71 -72.98 -17.32
N LEU A 484 2.47 -71.91 -17.58
CA LEU A 484 1.94 -70.54 -17.66
C LEU A 484 1.95 -69.91 -19.05
N GLU A 485 3.00 -70.18 -19.86
CA GLU A 485 3.14 -69.58 -21.18
C GLU A 485 3.81 -70.50 -22.20
N TYR A 486 3.45 -70.32 -23.50
CA TYR A 486 4.03 -71.05 -24.63
C TYR A 486 4.56 -70.06 -25.67
N GLU A 487 5.76 -70.33 -26.20
CA GLU A 487 6.42 -69.48 -27.19
C GLU A 487 6.69 -70.23 -28.49
N VAL A 488 6.27 -69.65 -29.64
CA VAL A 488 6.44 -70.26 -30.97
C VAL A 488 7.41 -69.44 -31.84
N LYS A 489 8.45 -70.10 -32.37
CA LYS A 489 9.48 -69.50 -33.24
C LYS A 489 9.04 -69.51 -34.71
N TYR A 490 9.42 -68.47 -35.48
CA TYR A 490 9.06 -68.35 -36.90
C TYR A 490 10.25 -67.89 -37.76
N TYR A 491 10.96 -68.84 -38.39
CA TYR A 491 12.10 -68.52 -39.26
C TYR A 491 12.03 -69.19 -40.64
N GLU A 492 12.58 -68.51 -41.65
CA GLU A 492 12.58 -68.95 -43.05
C GLU A 492 13.59 -70.06 -43.35
N LYS A 493 13.12 -71.11 -44.06
CA LYS A 493 13.91 -72.25 -44.49
C LYS A 493 14.20 -72.14 -46.00
N ASP A 494 15.36 -72.67 -46.44
CA ASP A 494 15.85 -72.65 -47.84
C ASP A 494 16.09 -71.24 -48.39
N GLN A 495 16.15 -70.25 -47.48
CA GLN A 495 16.36 -68.83 -47.75
C GLN A 495 17.33 -68.28 -46.70
N ASN A 496 17.81 -67.02 -46.90
CA ASN A 496 18.75 -66.34 -45.99
C ASN A 496 18.21 -66.24 -44.56
N GLU A 497 19.10 -66.35 -43.56
CA GLU A 497 18.75 -66.29 -42.14
C GLU A 497 18.02 -65.01 -41.72
N ARG A 498 16.70 -65.12 -41.63
CA ARG A 498 15.75 -64.06 -41.26
C ARG A 498 15.67 -63.90 -39.73
N SER A 499 14.83 -62.97 -39.27
CA SER A 499 14.61 -62.71 -37.85
C SER A 499 13.53 -63.67 -37.33
N TYR A 500 13.90 -64.52 -36.36
CA TYR A 500 12.95 -65.48 -35.80
C TYR A 500 11.94 -64.84 -34.85
N ARG A 501 10.69 -64.73 -35.34
CA ARG A 501 9.55 -64.12 -34.65
C ARG A 501 9.01 -65.04 -33.56
N ILE A 502 8.82 -64.50 -32.34
CA ILE A 502 8.32 -65.27 -31.19
C ILE A 502 6.98 -64.74 -30.68
N VAL A 503 5.92 -65.56 -30.78
CA VAL A 503 4.57 -65.21 -30.30
C VAL A 503 4.31 -65.83 -28.92
N ARG A 504 3.63 -65.08 -28.04
CA ARG A 504 3.29 -65.54 -26.69
C ARG A 504 1.81 -65.88 -26.60
N THR A 505 1.50 -67.14 -26.25
CA THR A 505 0.12 -67.64 -26.13
C THR A 505 -0.02 -68.56 -24.92
N ALA A 506 -1.06 -68.35 -24.11
CA ALA A 506 -1.37 -69.18 -22.95
C ALA A 506 -2.04 -70.48 -23.39
N ALA A 507 -2.79 -70.41 -24.51
CA ALA A 507 -3.49 -71.55 -25.12
C ALA A 507 -2.54 -72.39 -25.97
N ARG A 508 -2.90 -73.67 -26.20
CA ARG A 508 -2.11 -74.61 -27.00
C ARG A 508 -2.38 -74.55 -28.52
N ASN A 509 -3.11 -73.51 -28.97
CA ASN A 509 -3.46 -73.31 -30.38
C ASN A 509 -3.18 -71.87 -30.83
N THR A 510 -2.47 -71.69 -31.96
CA THR A 510 -2.13 -70.38 -32.51
C THR A 510 -2.14 -70.32 -34.04
N ASP A 511 -2.25 -69.10 -34.60
CA ASP A 511 -2.27 -68.84 -36.04
C ASP A 511 -1.33 -67.68 -36.40
N ILE A 512 -1.12 -67.45 -37.71
CA ILE A 512 -0.27 -66.36 -38.24
C ILE A 512 -0.98 -65.56 -39.31
N LYS A 513 -0.81 -64.23 -39.28
CA LYS A 513 -1.41 -63.31 -40.24
C LYS A 513 -0.35 -62.52 -40.99
N GLY A 514 -0.38 -62.61 -42.32
CA GLY A 514 0.56 -61.93 -43.19
C GLY A 514 1.81 -62.74 -43.46
N LEU A 515 1.72 -63.69 -44.40
CA LEU A 515 2.84 -64.55 -44.78
C LEU A 515 2.92 -64.76 -46.29
N ASN A 516 4.15 -64.78 -46.83
CA ASN A 516 4.44 -64.95 -48.25
C ASN A 516 4.13 -66.36 -48.75
N PRO A 517 3.51 -66.52 -49.96
CA PRO A 517 3.20 -67.86 -50.46
C PRO A 517 4.41 -68.56 -51.07
N LEU A 518 4.36 -69.91 -51.14
CA LEU A 518 5.39 -70.81 -51.69
C LEU A 518 6.77 -70.66 -51.01
N THR A 519 6.76 -70.61 -49.67
CA THR A 519 7.98 -70.48 -48.85
C THR A 519 7.95 -71.46 -47.68
N SER A 520 9.12 -72.08 -47.40
CA SER A 520 9.28 -73.05 -46.31
C SER A 520 9.58 -72.38 -44.98
N TYR A 521 8.86 -72.78 -43.92
CA TYR A 521 8.99 -72.24 -42.57
C TYR A 521 9.16 -73.35 -41.52
N VAL A 522 10.02 -73.10 -40.52
CA VAL A 522 10.31 -74.03 -39.42
C VAL A 522 9.79 -73.43 -38.11
N PHE A 523 9.10 -74.24 -37.28
CA PHE A 523 8.54 -73.79 -36.00
C PHE A 523 9.04 -74.58 -34.80
N HIS A 524 9.18 -73.89 -33.65
CA HIS A 524 9.61 -74.46 -32.38
C HIS A 524 8.74 -73.93 -31.24
N VAL A 525 8.14 -74.84 -30.46
CA VAL A 525 7.30 -74.51 -29.31
C VAL A 525 8.11 -74.69 -28.02
N ARG A 526 8.10 -73.67 -27.15
CA ARG A 526 8.83 -73.71 -25.88
C ARG A 526 7.89 -73.50 -24.71
N ALA A 527 7.97 -74.38 -23.70
CA ALA A 527 7.14 -74.32 -22.50
C ALA A 527 7.77 -73.42 -21.44
N ARG A 528 6.97 -72.51 -20.87
CA ARG A 528 7.42 -71.58 -19.83
C ARG A 528 6.54 -71.69 -18.59
N THR A 529 7.18 -72.01 -17.45
CA THR A 529 6.53 -72.14 -16.15
C THR A 529 7.15 -71.11 -15.19
N ALA A 530 6.79 -71.19 -13.89
CA ALA A 530 7.35 -70.32 -12.85
C ALA A 530 8.81 -70.71 -12.60
N ALA A 531 9.14 -72.01 -12.79
CA ALA A 531 10.47 -72.59 -12.63
C ALA A 531 11.51 -71.91 -13.53
N GLY A 532 11.22 -71.81 -14.82
CA GLY A 532 12.13 -71.16 -15.76
C GLY A 532 11.96 -71.49 -17.23
N TYR A 533 13.07 -71.34 -17.96
CA TYR A 533 13.23 -71.53 -19.41
C TYR A 533 13.14 -73.01 -19.80
N GLY A 534 12.32 -73.30 -20.79
CA GLY A 534 12.13 -74.66 -21.31
C GLY A 534 13.12 -75.01 -22.40
N ASP A 535 12.66 -75.79 -23.40
CA ASP A 535 13.47 -76.23 -24.54
C ASP A 535 12.69 -76.18 -25.86
N PHE A 536 13.41 -76.08 -27.00
CA PHE A 536 12.82 -76.02 -28.34
C PHE A 536 12.18 -77.36 -28.74
N SER A 537 11.13 -77.29 -29.59
CA SER A 537 10.38 -78.46 -30.04
C SER A 537 10.92 -79.11 -31.31
N GLU A 538 10.11 -80.02 -31.88
CA GLU A 538 10.31 -80.78 -33.11
C GLU A 538 10.37 -79.77 -34.28
N PRO A 539 11.50 -79.67 -35.03
CA PRO A 539 11.57 -78.69 -36.13
C PRO A 539 10.61 -79.03 -37.27
N LEU A 540 9.37 -78.51 -37.18
CA LEU A 540 8.30 -78.74 -38.13
C LEU A 540 8.42 -77.87 -39.38
N GLU A 541 8.79 -78.50 -40.50
CA GLU A 541 8.93 -77.84 -41.80
C GLU A 541 7.58 -77.78 -42.49
N VAL A 542 7.00 -76.57 -42.59
CA VAL A 542 5.69 -76.34 -43.22
C VAL A 542 5.84 -75.30 -44.33
N THR A 543 5.49 -75.69 -45.57
CA THR A 543 5.56 -74.85 -46.76
C THR A 543 4.15 -74.32 -47.08
N THR A 544 4.03 -73.02 -47.38
CA THR A 544 2.76 -72.34 -47.70
C THR A 544 2.06 -72.87 -48.93
N ASN A 545 0.71 -72.84 -48.91
CA ASN A 545 -0.15 -73.29 -49.99
C ASN A 545 -0.31 -72.19 -51.04
N ASP B 35 -12.75 59.87 25.08
CA ASP B 35 -12.04 59.52 23.85
C ASP B 35 -12.66 58.30 23.18
N ARG B 36 -12.83 57.19 23.93
CA ARG B 36 -13.42 55.95 23.45
C ARG B 36 -14.91 55.88 23.72
N TYR B 37 -15.69 55.38 22.75
CA TYR B 37 -17.14 55.26 22.84
C TYR B 37 -17.56 53.79 22.81
N ALA B 38 -18.28 53.35 23.85
CA ALA B 38 -18.76 51.96 23.97
C ALA B 38 -20.26 51.89 23.70
N VAL B 39 -20.64 51.02 22.75
CA VAL B 39 -22.04 50.81 22.34
C VAL B 39 -22.36 49.31 22.38
N TYR B 40 -23.37 48.93 23.18
CA TYR B 40 -23.83 47.55 23.31
C TYR B 40 -24.99 47.31 22.34
N TRP B 41 -24.72 46.57 21.25
CA TRP B 41 -25.71 46.30 20.21
C TRP B 41 -26.69 45.18 20.58
N ASN B 42 -27.84 45.57 21.16
CA ASN B 42 -28.93 44.68 21.58
C ASN B 42 -30.24 45.44 21.72
N SER B 43 -31.38 44.75 21.46
CA SER B 43 -32.73 45.32 21.56
C SER B 43 -33.14 45.62 23.01
N SER B 44 -32.49 44.95 23.98
CA SER B 44 -32.72 45.11 25.42
C SER B 44 -32.24 46.46 25.95
N ASN B 45 -31.27 47.09 25.24
CA ASN B 45 -30.68 48.38 25.60
C ASN B 45 -31.72 49.52 25.47
N PRO B 46 -31.82 50.43 26.48
CA PRO B 46 -32.84 51.49 26.41
C PRO B 46 -32.56 52.59 25.37
N ARG B 47 -31.29 52.78 24.99
CA ARG B 47 -30.88 53.80 24.01
C ARG B 47 -31.32 53.45 22.59
N PHE B 48 -31.24 52.16 22.21
CA PHE B 48 -31.64 51.66 20.89
C PHE B 48 -33.15 51.66 20.68
N GLN B 49 -33.92 51.44 21.76
CA GLN B 49 -35.39 51.40 21.75
C GLN B 49 -36.04 52.73 21.36
N ARG B 50 -35.35 53.86 21.63
CA ARG B 50 -35.80 55.21 21.31
C ARG B 50 -35.82 55.47 19.79
N GLY B 51 -34.81 54.95 19.09
CA GLY B 51 -34.66 55.09 17.64
C GLY B 51 -33.75 56.22 17.23
N ASP B 52 -33.75 57.32 18.02
CA ASP B 52 -32.95 58.53 17.78
C ASP B 52 -31.55 58.46 18.46
N TYR B 53 -30.99 57.24 18.59
CA TYR B 53 -29.68 57.01 19.20
C TYR B 53 -28.55 57.54 18.33
N HIS B 54 -27.91 58.63 18.79
CA HIS B 54 -26.81 59.29 18.11
C HIS B 54 -25.62 59.56 19.04
N ILE B 55 -24.40 59.57 18.48
CA ILE B 55 -23.16 59.81 19.21
C ILE B 55 -22.27 60.85 18.51
N ASP B 56 -21.82 61.86 19.28
CA ASP B 56 -20.95 62.93 18.78
C ASP B 56 -19.49 62.53 18.99
N VAL B 57 -18.76 62.28 17.88
CA VAL B 57 -17.36 61.86 17.91
C VAL B 57 -16.40 62.89 17.29
N CYS B 58 -15.12 62.84 17.71
CA CYS B 58 -14.05 63.71 17.22
C CYS B 58 -13.06 62.95 16.33
N ILE B 59 -12.06 63.67 15.78
CA ILE B 59 -11.01 63.12 14.91
C ILE B 59 -10.07 62.23 15.74
N ASN B 60 -9.77 61.03 15.21
CA ASN B 60 -8.89 60.00 15.80
C ASN B 60 -9.45 59.40 17.11
N ASP B 61 -10.79 59.34 17.22
CA ASP B 61 -11.51 58.75 18.35
C ASP B 61 -11.91 57.31 18.02
N TYR B 62 -12.14 56.48 19.04
CA TYR B 62 -12.51 55.08 18.86
C TYR B 62 -13.96 54.76 19.16
N LEU B 63 -14.50 53.73 18.49
CA LEU B 63 -15.86 53.24 18.66
C LEU B 63 -15.81 51.71 18.82
N ASP B 64 -16.36 51.21 19.94
CA ASP B 64 -16.38 49.78 20.25
C ASP B 64 -17.81 49.24 20.28
N VAL B 65 -18.11 48.30 19.37
CA VAL B 65 -19.43 47.66 19.24
C VAL B 65 -19.38 46.27 19.88
N PHE B 66 -20.29 46.00 20.82
CA PHE B 66 -20.37 44.72 21.53
C PHE B 66 -21.58 43.92 21.05
N CYS B 67 -21.34 42.67 20.60
CA CYS B 67 -22.38 41.74 20.15
C CYS B 67 -23.15 41.20 21.36
N PRO B 68 -24.46 40.83 21.24
CA PRO B 68 -25.19 40.33 22.41
C PRO B 68 -24.68 38.98 22.92
N HIS B 69 -24.01 38.99 24.07
CA HIS B 69 -23.44 37.81 24.72
C HIS B 69 -24.48 37.08 25.56
N TYR B 70 -24.55 35.75 25.41
CA TYR B 70 -25.47 34.89 26.13
C TYR B 70 -24.76 33.70 26.76
N GLU B 71 -25.22 33.30 27.96
CA GLU B 71 -24.67 32.16 28.72
C GLU B 71 -25.01 30.82 28.05
N ASP B 72 -24.26 29.76 28.41
CA ASP B 72 -24.43 28.40 27.88
C ASP B 72 -25.80 27.77 28.18
N SER B 73 -26.49 28.26 29.23
CA SER B 73 -27.82 27.78 29.65
C SER B 73 -28.93 28.16 28.65
N VAL B 74 -28.71 29.23 27.85
CA VAL B 74 -29.65 29.72 26.83
C VAL B 74 -29.76 28.70 25.67
N PRO B 75 -30.97 28.25 25.27
CA PRO B 75 -31.07 27.26 24.19
C PRO B 75 -30.96 27.81 22.76
N GLU B 76 -30.31 28.98 22.60
CA GLU B 76 -30.06 29.69 21.33
C GLU B 76 -31.30 30.12 20.52
N ASP B 77 -32.50 30.04 21.12
CA ASP B 77 -33.76 30.44 20.49
C ASP B 77 -34.04 31.93 20.72
N LYS B 78 -33.85 32.42 21.95
CA LYS B 78 -34.04 33.82 22.36
C LYS B 78 -32.84 34.69 21.94
N THR B 79 -31.71 34.02 21.59
CA THR B 79 -30.45 34.63 21.18
C THR B 79 -30.58 35.51 19.94
N GLU B 80 -29.96 36.71 19.98
CA GLU B 80 -29.95 37.68 18.90
C GLU B 80 -28.64 37.61 18.11
N ARG B 81 -28.76 37.63 16.77
CA ARG B 81 -27.63 37.58 15.84
C ARG B 81 -27.85 38.61 14.73
N TYR B 82 -26.90 39.57 14.59
CA TYR B 82 -27.01 40.64 13.61
C TYR B 82 -25.81 40.78 12.68
N VAL B 83 -26.06 41.23 11.44
CA VAL B 83 -25.06 41.50 10.40
C VAL B 83 -25.07 43.02 10.18
N LEU B 84 -23.97 43.69 10.57
CA LEU B 84 -23.81 45.14 10.49
C LEU B 84 -23.45 45.64 9.09
N TYR B 85 -24.04 46.78 8.69
CA TYR B 85 -23.82 47.44 7.40
C TYR B 85 -23.62 48.94 7.58
N MET B 86 -22.75 49.54 6.74
CA MET B 86 -22.48 50.98 6.76
C MET B 86 -23.18 51.63 5.56
N VAL B 87 -24.43 52.10 5.78
CA VAL B 87 -25.28 52.70 4.76
C VAL B 87 -25.28 54.24 4.76
N ASN B 88 -25.98 54.84 3.77
CA ASN B 88 -26.15 56.29 3.60
C ASN B 88 -27.46 56.74 4.30
N PHE B 89 -27.91 58.00 4.03
CA PHE B 89 -29.13 58.56 4.61
C PHE B 89 -30.39 57.83 4.13
N ASP B 90 -30.39 57.39 2.86
CA ASP B 90 -31.50 56.65 2.23
C ASP B 90 -31.67 55.26 2.84
N GLY B 91 -30.54 54.63 3.17
CA GLY B 91 -30.50 53.30 3.79
C GLY B 91 -30.79 53.31 5.27
N TYR B 92 -30.64 54.48 5.92
CA TYR B 92 -30.87 54.67 7.35
C TYR B 92 -32.38 54.68 7.67
N SER B 93 -33.18 55.35 6.83
CA SER B 93 -34.63 55.48 7.01
C SER B 93 -35.40 54.25 6.48
N ALA B 94 -34.99 53.71 5.32
CA ALA B 94 -35.63 52.56 4.68
C ALA B 94 -35.17 51.19 5.20
N CYS B 95 -34.10 51.16 6.03
CA CYS B 95 -33.48 49.95 6.62
C CYS B 95 -32.95 48.94 5.58
N ASP B 96 -32.59 49.43 4.37
CA ASP B 96 -32.07 48.61 3.27
C ASP B 96 -30.56 48.81 3.08
N HIS B 97 -29.85 47.72 2.77
CA HIS B 97 -28.40 47.71 2.55
C HIS B 97 -27.99 47.33 1.11
N THR B 98 -28.95 46.81 0.31
CA THR B 98 -28.72 46.39 -1.08
C THR B 98 -28.45 47.61 -1.98
N SER B 99 -27.24 47.66 -2.58
CA SER B 99 -26.74 48.71 -3.47
C SER B 99 -26.74 50.13 -2.85
N LYS B 100 -26.62 50.20 -1.51
CA LYS B 100 -26.62 51.45 -0.74
C LYS B 100 -25.50 51.49 0.30
N GLY B 101 -25.14 50.31 0.82
CA GLY B 101 -24.09 50.16 1.82
C GLY B 101 -23.12 49.01 1.58
N PHE B 102 -22.22 48.79 2.55
CA PHE B 102 -21.20 47.74 2.51
C PHE B 102 -21.19 46.94 3.82
N LYS B 103 -20.86 45.64 3.74
CA LYS B 103 -20.81 44.73 4.89
C LYS B 103 -19.63 45.09 5.81
N ARG B 104 -19.91 45.30 7.11
CA ARG B 104 -18.91 45.68 8.10
C ARG B 104 -18.50 44.51 9.01
N TRP B 105 -19.34 44.19 10.04
CA TRP B 105 -19.07 43.12 11.00
C TRP B 105 -20.29 42.20 11.19
N GLU B 106 -20.05 40.98 11.68
CA GLU B 106 -21.09 39.97 11.91
C GLU B 106 -21.05 39.40 13.33
N CYS B 107 -22.21 39.36 14.01
CA CYS B 107 -22.35 38.81 15.35
C CYS B 107 -22.88 37.37 15.21
N ASN B 108 -22.01 36.48 14.70
CA ASN B 108 -22.33 35.06 14.44
C ASN B 108 -22.36 34.17 15.67
N ARG B 109 -21.23 34.07 16.42
CA ARG B 109 -21.13 33.22 17.60
C ARG B 109 -21.34 34.01 18.91
N PRO B 110 -22.49 33.83 19.61
CA PRO B 110 -22.71 34.58 20.86
C PRO B 110 -21.91 34.05 22.05
N HIS B 111 -21.54 32.76 22.03
CA HIS B 111 -20.79 32.10 23.10
C HIS B 111 -19.27 32.25 22.93
N SER B 112 -18.79 33.51 22.98
CA SER B 112 -17.38 33.87 22.86
C SER B 112 -16.65 33.68 24.20
N PRO B 113 -15.37 33.23 24.22
CA PRO B 113 -14.69 32.98 25.52
C PRO B 113 -14.38 34.22 26.38
N ASN B 114 -13.86 35.29 25.77
CA ASN B 114 -13.50 36.52 26.48
C ASN B 114 -14.64 37.56 26.43
N GLY B 115 -15.73 37.24 27.11
CA GLY B 115 -16.92 38.09 27.19
C GLY B 115 -17.63 38.24 25.85
N PRO B 116 -18.17 39.44 25.54
CA PRO B 116 -18.85 39.62 24.24
C PRO B 116 -17.86 39.90 23.11
N LEU B 117 -18.32 39.79 21.84
CA LEU B 117 -17.50 40.04 20.66
C LEU B 117 -17.29 41.55 20.51
N LYS B 118 -16.02 41.98 20.47
CA LYS B 118 -15.67 43.40 20.35
C LYS B 118 -15.10 43.74 18.98
N PHE B 119 -15.63 44.80 18.36
CA PHE B 119 -15.21 45.31 17.05
C PHE B 119 -14.80 46.77 17.20
N SER B 120 -13.56 47.09 16.78
CA SER B 120 -13.00 48.45 16.88
C SER B 120 -13.13 49.24 15.58
N GLU B 121 -13.39 50.56 15.71
CA GLU B 121 -13.52 51.50 14.61
C GLU B 121 -12.87 52.83 14.98
N LYS B 122 -11.79 53.19 14.28
CA LYS B 122 -11.05 54.44 14.50
C LYS B 122 -11.54 55.50 13.53
N PHE B 123 -11.82 56.72 14.05
CA PHE B 123 -12.29 57.84 13.24
C PHE B 123 -11.12 58.69 12.72
N GLN B 124 -10.27 58.04 11.91
CA GLN B 124 -9.08 58.63 11.30
C GLN B 124 -9.39 59.34 9.99
N LEU B 125 -8.62 60.40 9.67
CA LEU B 125 -8.78 61.19 8.44
C LEU B 125 -8.29 60.38 7.24
N PHE B 126 -7.11 59.75 7.38
CA PHE B 126 -6.47 58.93 6.35
C PHE B 126 -6.25 57.51 6.88
N THR B 127 -6.49 56.51 6.03
CA THR B 127 -6.34 55.10 6.39
C THR B 127 -5.21 54.44 5.58
N PRO B 128 -4.24 53.77 6.24
CA PRO B 128 -3.15 53.12 5.48
C PRO B 128 -3.60 51.89 4.70
N PHE B 129 -4.64 51.21 5.19
CA PHE B 129 -5.22 50.03 4.55
C PHE B 129 -6.04 50.44 3.33
N SER B 130 -5.98 49.61 2.27
CA SER B 130 -6.65 49.83 0.99
C SER B 130 -8.16 49.93 1.07
N LEU B 131 -8.82 49.06 1.86
CA LEU B 131 -10.27 49.05 2.02
C LEU B 131 -10.78 49.80 3.26
N GLY B 132 -9.87 50.13 4.18
CA GLY B 132 -10.15 50.84 5.41
C GLY B 132 -10.86 52.16 5.23
N PHE B 133 -12.02 52.31 5.91
CA PHE B 133 -12.90 53.48 5.84
C PHE B 133 -12.31 54.75 6.45
N GLU B 134 -12.41 55.86 5.70
CA GLU B 134 -11.94 57.20 6.10
C GLU B 134 -13.08 58.01 6.70
N PHE B 135 -12.75 59.02 7.52
CA PHE B 135 -13.73 59.89 8.16
C PHE B 135 -13.40 61.37 7.99
N ARG B 136 -14.41 62.17 7.62
CA ARG B 136 -14.31 63.61 7.36
C ARG B 136 -14.98 64.45 8.46
N PRO B 137 -14.40 65.61 8.86
CA PRO B 137 -15.05 66.42 9.90
C PRO B 137 -16.23 67.24 9.38
N GLY B 138 -17.28 67.32 10.19
CA GLY B 138 -18.50 68.04 9.87
C GLY B 138 -19.40 67.30 8.91
N ARG B 139 -19.46 65.95 9.03
CA ARG B 139 -20.27 65.07 8.20
C ARG B 139 -20.90 63.92 9.00
N GLU B 140 -22.00 63.36 8.49
CA GLU B 140 -22.74 62.27 9.13
C GLU B 140 -22.49 60.92 8.46
N TYR B 141 -22.35 59.87 9.28
CA TYR B 141 -22.14 58.48 8.86
C TYR B 141 -23.20 57.60 9.52
N PHE B 142 -23.77 56.65 8.76
CA PHE B 142 -24.86 55.80 9.25
C PHE B 142 -24.54 54.31 9.30
N TYR B 143 -25.12 53.60 10.29
CA TYR B 143 -24.95 52.17 10.51
C TYR B 143 -26.28 51.46 10.80
N ILE B 144 -26.52 50.31 10.14
CA ILE B 144 -27.73 49.49 10.31
C ILE B 144 -27.37 48.01 10.56
N SER B 145 -28.33 47.22 11.07
CA SER B 145 -28.14 45.79 11.34
C SER B 145 -29.37 44.95 10.98
N SER B 146 -29.15 43.84 10.26
CA SER B 146 -30.19 42.91 9.84
C SER B 146 -30.07 41.58 10.56
N ALA B 147 -31.21 41.03 11.03
CA ALA B 147 -31.27 39.76 11.76
C ALA B 147 -31.13 38.55 10.84
N ILE B 148 -30.33 37.56 11.28
CA ILE B 148 -30.07 36.31 10.54
C ILE B 148 -31.32 35.39 10.47
N PRO B 149 -32.05 35.06 11.58
CA PRO B 149 -33.22 34.18 11.45
C PRO B 149 -34.39 34.84 10.74
N ASP B 150 -37.02 36.80 10.99
CA ASP B 150 -36.30 38.06 10.95
C ASP B 150 -37.23 39.27 11.18
N ASN B 151 -36.70 40.50 11.02
CA ASN B 151 -37.44 41.76 11.19
C ASN B 151 -38.56 41.94 10.15
N GLY B 152 -38.29 41.49 8.92
CA GLY B 152 -39.23 41.57 7.81
C GLY B 152 -39.33 42.95 7.18
N ARG B 153 -38.19 43.69 7.16
CA ARG B 153 -38.04 45.04 6.61
C ARG B 153 -38.98 46.10 7.21
N ARG B 154 -39.44 45.88 8.47
CA ARG B 154 -40.32 46.80 9.18
C ARG B 154 -39.52 47.88 9.89
N SER B 155 -38.66 47.48 10.84
CA SER B 155 -37.80 48.37 11.62
C SER B 155 -36.49 47.66 11.98
N CYS B 156 -35.36 48.37 11.84
CA CYS B 156 -34.03 47.84 12.14
C CYS B 156 -33.31 48.66 13.21
N LEU B 157 -32.39 48.03 13.96
CA LEU B 157 -31.60 48.70 14.99
C LEU B 157 -30.58 49.59 14.30
N LYS B 158 -30.71 50.91 14.47
CA LYS B 158 -29.86 51.90 13.82
C LYS B 158 -29.07 52.80 14.75
N LEU B 159 -27.87 53.22 14.31
CA LEU B 159 -26.96 54.10 15.04
C LEU B 159 -26.51 55.25 14.14
N LYS B 160 -26.68 56.50 14.62
CA LYS B 160 -26.29 57.70 13.90
C LYS B 160 -24.92 58.19 14.41
N VAL B 161 -23.96 58.36 13.50
CA VAL B 161 -22.61 58.79 13.84
C VAL B 161 -22.30 60.15 13.19
N PHE B 162 -22.00 61.17 14.02
CA PHE B 162 -21.65 62.50 13.54
C PHE B 162 -20.23 62.86 13.98
N VAL B 163 -19.40 63.27 13.01
CA VAL B 163 -18.02 63.67 13.26
C VAL B 163 -17.99 65.19 13.44
N ARG B 164 -17.60 65.66 14.63
CA ARG B 164 -17.51 67.08 14.96
C ARG B 164 -16.37 67.77 14.20
N PRO B 165 -16.55 69.02 13.71
CA PRO B 165 -15.47 69.69 12.97
C PRO B 165 -14.24 70.04 13.80
N THR B 166 -13.15 70.47 13.14
CA THR B 166 -11.87 70.86 13.74
C THR B 166 -12.00 71.97 14.79
N ASN B 167 -13.01 72.85 14.65
CA ASN B 167 -13.29 73.95 15.57
C ASN B 167 -13.86 73.40 16.88
N SER B 168 -14.76 72.40 16.81
CA SER B 168 -15.39 71.76 17.96
C SER B 168 -14.40 70.87 18.71
N CYS B 169 -13.50 70.19 17.99
CA CYS B 169 -12.48 69.30 18.56
C CYS B 169 -11.21 70.09 18.88
N MET B 170 -11.14 70.64 20.12
CA MET B 170 -10.04 71.43 20.65
C MET B 170 -9.70 72.72 19.87
N LYS B 171 -8.68 73.37 20.17
#